data_6B9L
#
_entry.id   6B9L
#
_cell.length_a   89.268
_cell.length_b   94.153
_cell.length_c   134.464
_cell.angle_alpha   90.00
_cell.angle_beta   90.00
_cell.angle_gamma   90.00
#
_symmetry.space_group_name_H-M   'P 21 21 21'
#
loop_
_entity.id
_entity.type
_entity.pdbx_description
1 polymer 'Ephrin type-A receptor 2'
2 polymer 'peptide 135E2, (DUG)SAYPDSVPFR'
3 polymer 'HIS TAG CLEAVED OFF'
#
loop_
_entity_poly.entity_id
_entity_poly.type
_entity_poly.pdbx_seq_one_letter_code
_entity_poly.pdbx_strand_id
1 'polypeptide(L)'
;MGSSHHHHHHSSGLVPRGSHMKEVVLLDFAAAGGELGWLTHPYGKGWDLMQNIMNDMPIYMYSVCNVMSGDQDNWLRTNW
VYRGEAERIFIELKFTVRDCNSFPGGASSCKETFNLYYAESDLDYGTNFQKRLFTKIDTIAPDEITVSSDFEARHVKLNV
EERSVGPLTRKGFYLAFQDIGACVALLSVRVYYKK
;
A,B,C,D
2 'polypeptide(L)' (DUG)SAYPDSVPFR E,F,G,H
3 'polypeptide(L)' AHHHHA J
#
# COMPACT_ATOMS: atom_id res chain seq x y z
N LYS A 22 38.64 19.58 -3.43
CA LYS A 22 38.37 18.17 -3.19
C LYS A 22 36.92 17.95 -2.81
N GLU A 23 36.22 17.13 -3.59
CA GLU A 23 34.81 16.86 -3.36
C GLU A 23 34.60 15.70 -2.40
N VAL A 24 33.74 15.92 -1.40
CA VAL A 24 33.34 14.86 -0.48
C VAL A 24 31.90 14.45 -0.74
N VAL A 25 31.71 13.28 -1.34
CA VAL A 25 30.39 12.81 -1.71
C VAL A 25 29.55 12.42 -0.49
N LEU A 26 28.37 13.02 -0.38
CA LEU A 26 27.45 12.71 0.70
C LEU A 26 26.46 11.62 0.28
N LEU A 27 26.04 11.68 -0.99
CA LEU A 27 25.13 10.69 -1.55
C LEU A 27 25.27 10.63 -3.07
N ASP A 28 25.39 9.41 -3.60
CA ASP A 28 25.53 9.20 -5.03
C ASP A 28 24.67 8.02 -5.47
N PHE A 29 23.69 8.30 -6.31
CA PHE A 29 22.72 7.28 -6.74
C PHE A 29 23.31 6.28 -7.72
N ALA A 30 24.07 6.78 -8.70
CA ALA A 30 24.67 5.92 -9.72
C ALA A 30 25.70 4.98 -9.11
N ALA A 31 26.22 5.36 -7.95
CA ALA A 31 27.23 4.55 -7.27
C ALA A 31 26.67 3.21 -6.80
N ALA A 32 25.52 3.26 -6.15
CA ALA A 32 24.86 2.03 -5.72
C ALA A 32 24.19 1.35 -6.90
N GLY A 33 24.17 0.03 -6.89
CA GLY A 33 23.53 -0.73 -7.96
C GLY A 33 22.02 -0.68 -7.86
N GLY A 34 21.48 0.53 -7.77
CA GLY A 34 20.05 0.72 -7.59
C GLY A 34 19.55 0.05 -6.33
N GLU A 35 20.31 0.16 -5.25
CA GLU A 35 19.98 -0.55 -4.01
C GLU A 35 19.44 0.36 -2.92
N LEU A 36 19.32 1.65 -3.20
CA LEU A 36 18.98 2.62 -2.16
C LEU A 36 17.52 2.57 -1.76
N GLY A 37 16.68 2.00 -2.62
CA GLY A 37 15.27 1.81 -2.33
C GLY A 37 14.57 3.05 -1.77
N TRP A 38 14.60 4.14 -2.53
CA TRP A 38 14.01 5.40 -2.07
C TRP A 38 12.51 5.31 -1.89
N LEU A 39 11.98 6.18 -1.04
CA LEU A 39 10.55 6.22 -0.75
C LEU A 39 9.79 6.93 -1.86
N THR A 40 8.68 6.34 -2.29
CA THR A 40 7.85 6.94 -3.33
C THR A 40 6.43 7.15 -2.82
N HIS A 41 5.84 8.29 -3.16
CA HIS A 41 4.46 8.60 -2.79
C HIS A 41 3.69 9.07 -4.01
N PRO A 42 2.45 8.57 -4.19
CA PRO A 42 1.77 7.59 -3.33
C PRO A 42 2.24 6.15 -3.58
N TYR A 43 2.03 5.29 -2.58
CA TYR A 43 2.43 3.90 -2.68
C TYR A 43 1.71 3.18 -3.82
N GLY A 44 2.47 2.69 -4.79
CA GLY A 44 1.91 1.92 -5.88
C GLY A 44 1.96 2.60 -7.24
N LYS A 45 1.83 3.91 -7.24
CA LYS A 45 1.86 4.67 -8.49
C LYS A 45 3.06 5.63 -8.53
N GLY A 46 3.07 6.51 -9.52
CA GLY A 46 4.11 7.51 -9.65
C GLY A 46 5.48 6.94 -9.97
N TRP A 47 6.51 7.50 -9.33
CA TRP A 47 7.89 7.09 -9.55
C TRP A 47 8.09 5.59 -9.38
N ASP A 48 9.01 5.03 -10.16
CA ASP A 48 9.31 3.60 -10.09
C ASP A 48 10.79 3.37 -10.33
N LEU A 49 11.30 2.23 -9.86
CA LEU A 49 12.71 1.90 -10.04
C LEU A 49 12.90 1.06 -11.30
N MET A 50 13.53 1.65 -12.32
CA MET A 50 13.68 0.99 -13.60
C MET A 50 15.12 0.53 -13.84
N GLN A 51 15.27 -0.40 -14.78
CA GLN A 51 16.57 -0.97 -15.09
C GLN A 51 16.75 -1.10 -16.60
N ASN A 52 17.92 -0.70 -17.10
CA ASN A 52 18.22 -0.83 -18.52
C ASN A 52 19.48 -1.65 -18.76
N ILE A 53 19.34 -2.73 -19.52
CA ILE A 53 20.49 -3.54 -19.90
C ILE A 53 20.83 -3.27 -21.36
N MET A 54 21.83 -2.41 -21.57
CA MET A 54 22.33 -2.11 -22.91
C MET A 54 23.82 -2.41 -22.97
N ASN A 55 24.32 -2.98 -21.88
CA ASN A 55 25.73 -3.31 -21.74
C ASN A 55 25.89 -4.26 -20.56
N ASP A 56 27.12 -4.75 -20.35
CA ASP A 56 27.41 -5.59 -19.20
C ASP A 56 27.05 -4.87 -17.91
N MET A 57 27.37 -3.58 -17.85
CA MET A 57 26.99 -2.74 -16.73
C MET A 57 25.58 -2.19 -16.93
N PRO A 58 24.62 -2.63 -16.10
CA PRO A 58 23.25 -2.14 -16.20
C PRO A 58 23.15 -0.69 -15.77
N ILE A 59 22.15 0.02 -16.26
CA ILE A 59 21.93 1.41 -15.86
C ILE A 59 20.65 1.54 -15.06
N TYR A 60 20.78 2.02 -13.83
CA TYR A 60 19.64 2.11 -12.92
C TYR A 60 19.10 3.54 -12.89
N MET A 61 17.83 3.68 -12.57
CA MET A 61 17.16 4.97 -12.67
C MET A 61 15.83 4.99 -11.92
N TYR A 62 15.32 6.19 -11.68
CA TYR A 62 13.96 6.36 -11.17
C TYR A 62 13.13 7.08 -12.23
N SER A 63 12.24 6.34 -12.88
CA SER A 63 11.46 6.89 -13.99
C SER A 63 9.99 7.00 -13.65
N VAL A 64 9.33 7.99 -14.26
CA VAL A 64 7.89 8.16 -14.11
C VAL A 64 7.33 8.78 -15.39
N CYS A 65 6.15 8.33 -15.81
CA CYS A 65 5.56 8.81 -17.05
C CYS A 65 4.04 8.65 -17.04
N ASN A 66 3.37 9.42 -16.19
CA ASN A 66 1.90 9.46 -16.15
C ASN A 66 1.39 10.69 -16.90
N VAL A 67 1.67 10.73 -18.20
CA VAL A 67 1.48 11.95 -18.97
C VAL A 67 0.02 12.33 -19.25
N MET A 68 -0.85 11.34 -19.40
CA MET A 68 -2.21 11.64 -19.85
C MET A 68 -3.30 11.36 -18.81
N SER A 69 -2.92 11.34 -17.54
CA SER A 69 -3.86 11.13 -16.45
C SER A 69 -4.27 12.47 -15.82
N GLY A 70 -3.86 13.56 -16.44
CA GLY A 70 -4.19 14.89 -15.94
C GLY A 70 -3.10 15.47 -15.07
N ASP A 71 -3.50 16.06 -13.95
CA ASP A 71 -2.54 16.63 -13.01
C ASP A 71 -1.96 15.56 -12.11
N GLN A 72 -0.64 15.49 -12.05
CA GLN A 72 0.05 14.49 -11.25
C GLN A 72 0.76 15.12 -10.06
N ASP A 73 0.86 14.38 -8.97
CA ASP A 73 1.56 14.84 -7.78
C ASP A 73 2.35 13.70 -7.15
N ASN A 74 3.29 13.15 -7.92
CA ASN A 74 4.06 12.00 -7.49
C ASN A 74 5.42 12.40 -6.93
N TRP A 75 5.67 12.02 -5.68
CA TRP A 75 6.89 12.41 -4.98
C TRP A 75 7.89 11.27 -4.86
N LEU A 76 9.17 11.62 -4.96
CA LEU A 76 10.26 10.67 -4.74
C LEU A 76 11.24 11.24 -3.73
N ARG A 77 11.37 10.58 -2.59
CA ARG A 77 12.23 11.08 -1.52
C ARG A 77 13.43 10.16 -1.29
N THR A 78 14.61 10.75 -1.20
CA THR A 78 15.84 9.99 -0.95
C THR A 78 15.89 9.47 0.48
N ASN A 79 17.01 8.86 0.84
CA ASN A 79 17.23 8.43 2.21
C ASN A 79 17.71 9.59 3.07
N TRP A 80 18.04 9.30 4.32
CA TRP A 80 18.56 10.32 5.23
C TRP A 80 20.03 10.56 4.94
N VAL A 81 20.37 11.81 4.60
CA VAL A 81 21.74 12.15 4.29
C VAL A 81 22.42 12.87 5.45
N TYR A 82 23.40 12.23 6.06
CA TYR A 82 24.15 12.86 7.14
C TYR A 82 24.99 14.00 6.59
N ARG A 83 24.67 15.22 7.03
CA ARG A 83 25.30 16.42 6.53
C ARG A 83 26.79 16.48 6.87
N GLY A 84 27.14 16.02 8.06
CA GLY A 84 28.52 16.05 8.51
C GLY A 84 28.98 17.46 8.82
N GLU A 85 30.16 17.82 8.33
CA GLU A 85 30.74 19.13 8.59
C GLU A 85 30.43 20.12 7.46
N ALA A 86 29.59 19.69 6.52
CA ALA A 86 29.26 20.50 5.36
C ALA A 86 28.41 21.72 5.74
N GLU A 87 28.89 22.90 5.37
CA GLU A 87 28.13 24.13 5.55
C GLU A 87 27.00 24.19 4.53
N ARG A 88 27.39 24.31 3.27
CA ARG A 88 26.45 24.25 2.15
C ARG A 88 26.77 23.02 1.30
N ILE A 89 25.85 22.62 0.45
CA ILE A 89 26.04 21.43 -0.38
C ILE A 89 25.76 21.70 -1.85
N PHE A 90 26.25 20.81 -2.72
CA PHE A 90 26.00 20.90 -4.15
C PHE A 90 25.13 19.74 -4.60
N ILE A 91 24.05 20.03 -5.32
CA ILE A 91 23.15 18.98 -5.80
C ILE A 91 23.24 18.84 -7.32
N GLU A 92 23.80 17.72 -7.77
CA GLU A 92 23.98 17.49 -9.21
C GLU A 92 23.02 16.41 -9.71
N LEU A 93 22.18 16.77 -10.68
CA LEU A 93 21.20 15.83 -11.21
C LEU A 93 21.42 15.57 -12.70
N LYS A 94 21.33 14.30 -13.09
CA LYS A 94 21.37 13.90 -14.49
C LYS A 94 20.05 13.23 -14.86
N PHE A 95 19.38 13.77 -15.86
CA PHE A 95 18.04 13.30 -16.20
C PHE A 95 17.71 13.44 -17.68
N THR A 96 16.67 12.75 -18.11
CA THR A 96 16.15 12.86 -19.47
C THR A 96 14.67 13.20 -19.43
N VAL A 97 14.22 14.06 -20.34
CA VAL A 97 12.81 14.42 -20.42
C VAL A 97 12.31 14.32 -21.85
N ARG A 98 11.21 13.58 -22.02
CA ARG A 98 10.62 13.37 -23.34
C ARG A 98 9.78 14.57 -23.77
N ASP A 99 9.92 14.97 -25.03
CA ASP A 99 9.13 16.05 -25.59
C ASP A 99 7.65 15.70 -25.54
N CYS A 100 6.85 16.62 -25.00
CA CYS A 100 5.42 16.39 -24.86
C CYS A 100 4.75 16.24 -26.21
N ASN A 101 5.33 16.87 -27.23
CA ASN A 101 4.81 16.78 -28.59
C ASN A 101 4.90 15.37 -29.17
N SER A 102 5.49 14.46 -28.41
CA SER A 102 5.58 13.07 -28.81
C SER A 102 4.42 12.26 -28.23
N PHE A 103 3.52 12.95 -27.56
CA PHE A 103 2.33 12.32 -26.98
C PHE A 103 1.07 12.94 -27.55
N PRO A 104 0.02 12.11 -27.73
CA PRO A 104 -1.30 12.58 -28.19
C PRO A 104 -1.85 13.68 -27.29
N GLY A 105 -2.07 14.87 -27.86
CA GLY A 105 -2.48 16.01 -27.08
C GLY A 105 -1.44 16.26 -26.02
N GLY A 106 -0.20 16.47 -26.48
CA GLY A 106 0.95 16.55 -25.60
C GLY A 106 0.80 17.51 -24.44
N ALA A 107 0.67 18.79 -24.76
CA ALA A 107 0.45 19.81 -23.75
C ALA A 107 -0.88 19.55 -23.09
N SER A 108 -1.13 20.23 -21.97
CA SER A 108 -2.28 19.98 -21.11
C SER A 108 -2.14 18.65 -20.38
N SER A 109 -1.86 17.61 -21.15
CA SER A 109 -1.57 16.31 -20.58
C SER A 109 -0.20 16.34 -19.90
N CYS A 110 0.82 16.62 -20.69
CA CYS A 110 2.20 16.47 -20.26
C CYS A 110 2.89 17.80 -19.97
N LYS A 111 3.80 17.79 -19.00
CA LYS A 111 4.65 18.94 -18.70
C LYS A 111 6.10 18.58 -19.05
N GLU A 112 6.99 19.57 -19.08
CA GLU A 112 8.37 19.30 -19.42
C GLU A 112 9.34 19.62 -18.29
N THR A 113 8.81 19.81 -17.09
CA THR A 113 9.65 20.08 -15.93
C THR A 113 9.23 19.25 -14.72
N PHE A 114 10.09 19.24 -13.70
CA PHE A 114 9.75 18.65 -12.41
C PHE A 114 10.37 19.49 -11.32
N ASN A 115 9.89 19.32 -10.09
CA ASN A 115 10.33 20.15 -8.98
C ASN A 115 11.27 19.42 -8.02
N LEU A 116 12.32 20.11 -7.58
CA LEU A 116 13.27 19.57 -6.61
C LEU A 116 13.07 20.20 -5.24
N TYR A 117 12.90 19.36 -4.23
CA TYR A 117 12.68 19.82 -2.87
C TYR A 117 13.77 19.33 -1.92
N TYR A 118 13.78 19.88 -0.71
CA TYR A 118 14.69 19.42 0.34
C TYR A 118 14.10 19.74 1.70
N ALA A 119 14.63 19.08 2.73
CA ALA A 119 14.18 19.30 4.11
C ALA A 119 15.21 18.76 5.09
N GLU A 120 15.68 19.63 5.99
CA GLU A 120 16.69 19.26 6.96
C GLU A 120 16.06 18.50 8.13
N SER A 121 16.83 17.61 8.74
CA SER A 121 16.34 16.80 9.85
C SER A 121 17.47 16.38 10.77
N ASP A 122 17.31 16.65 12.07
CA ASP A 122 18.33 16.30 13.05
C ASP A 122 18.43 14.79 13.25
N LEU A 123 17.41 14.06 12.83
CA LEU A 123 17.41 12.61 12.97
C LEU A 123 16.70 11.94 11.79
N ASP A 124 16.96 10.64 11.62
CA ASP A 124 16.33 9.86 10.55
C ASP A 124 14.85 9.66 10.85
N TYR A 125 14.00 10.13 9.94
CA TYR A 125 12.55 10.04 10.13
C TYR A 125 11.97 8.74 9.60
N GLY A 126 12.81 7.94 8.95
CA GLY A 126 12.37 6.66 8.43
C GLY A 126 11.35 6.78 7.32
N THR A 127 10.25 6.05 7.46
CA THR A 127 9.21 6.01 6.45
C THR A 127 8.24 7.18 6.56
N ASN A 128 8.33 7.92 7.66
CA ASN A 128 7.49 9.10 7.87
C ASN A 128 7.74 10.15 6.80
N PHE A 129 6.71 10.44 6.01
CA PHE A 129 6.82 11.42 4.94
C PHE A 129 5.69 12.44 5.00
N GLN A 130 6.05 13.69 5.23
CA GLN A 130 5.07 14.77 5.27
C GLN A 130 5.44 15.83 4.24
N LYS A 131 4.64 15.91 3.17
CA LYS A 131 4.94 16.78 2.04
C LYS A 131 5.04 18.26 2.42
N ARG A 132 4.33 18.66 3.46
CA ARG A 132 4.28 20.06 3.87
C ARG A 132 5.54 20.49 4.62
N LEU A 133 6.48 19.57 4.79
CA LEU A 133 7.71 19.87 5.51
C LEU A 133 8.88 20.12 4.56
N PHE A 134 8.61 20.06 3.26
CA PHE A 134 9.66 20.21 2.27
C PHE A 134 9.65 21.59 1.61
N THR A 135 10.82 22.19 1.50
CA THR A 135 10.98 23.49 0.88
C THR A 135 11.48 23.37 -0.55
N LYS A 136 10.83 24.08 -1.47
CA LYS A 136 11.17 24.02 -2.88
C LYS A 136 12.54 24.64 -3.16
N ILE A 137 13.42 23.88 -3.79
CA ILE A 137 14.73 24.40 -4.17
C ILE A 137 14.63 25.18 -5.47
N ASP A 138 14.16 24.52 -6.52
CA ASP A 138 14.06 25.12 -7.84
C ASP A 138 13.29 24.19 -8.79
N THR A 139 12.64 24.78 -9.79
CA THR A 139 12.01 23.99 -10.85
C THR A 139 13.08 23.55 -11.84
N ILE A 140 13.24 22.25 -12.00
CA ILE A 140 14.29 21.72 -12.87
C ILE A 140 13.79 21.59 -14.30
N ALA A 141 14.53 22.21 -15.23
CA ALA A 141 14.15 22.20 -16.64
C ALA A 141 15.27 21.65 -17.51
N PRO A 142 14.92 20.90 -18.57
CA PRO A 142 15.90 20.28 -19.46
C PRO A 142 16.46 21.26 -20.48
N ASP A 143 17.76 21.21 -20.71
CA ASP A 143 18.37 21.98 -21.80
C ASP A 143 18.05 21.29 -23.11
N GLU A 144 17.86 19.97 -23.05
CA GLU A 144 17.53 19.18 -24.22
C GLU A 144 16.42 18.18 -23.91
N ILE A 145 15.32 18.27 -24.68
CA ILE A 145 14.28 17.26 -24.62
C ILE A 145 14.49 16.24 -25.72
N THR A 146 14.08 15.00 -25.48
CA THR A 146 14.27 13.95 -26.46
C THR A 146 12.97 13.66 -27.22
N VAL A 147 13.09 13.58 -28.54
CA VAL A 147 11.94 13.40 -29.41
C VAL A 147 11.85 11.94 -29.88
N SER A 148 10.63 11.49 -30.19
CA SER A 148 10.35 10.12 -30.61
C SER A 148 11.35 9.56 -31.62
N SER A 149 11.71 10.37 -32.61
CA SER A 149 12.67 9.96 -33.64
C SER A 149 14.00 9.58 -33.01
N ASP A 150 14.38 10.28 -31.96
CA ASP A 150 15.58 9.96 -31.20
C ASP A 150 15.32 8.83 -30.21
N PHE A 151 14.09 8.78 -29.69
CA PHE A 151 13.75 7.82 -28.65
C PHE A 151 13.45 6.42 -29.20
N GLU A 152 12.90 6.37 -30.41
CA GLU A 152 12.64 5.08 -31.04
C GLU A 152 13.96 4.51 -31.58
N ALA A 153 14.97 5.37 -31.60
CA ALA A 153 16.36 4.93 -31.70
C ALA A 153 16.89 4.85 -30.27
N ARG A 154 18.00 4.15 -30.07
CA ARG A 154 18.52 4.02 -28.71
C ARG A 154 19.42 5.20 -28.36
N HIS A 155 18.97 6.41 -28.68
CA HIS A 155 19.72 7.62 -28.40
C HIS A 155 18.91 8.57 -27.51
N VAL A 156 19.50 8.97 -26.39
CA VAL A 156 18.88 9.92 -25.48
C VAL A 156 19.75 11.14 -25.25
N LYS A 157 19.12 12.31 -25.20
CA LYS A 157 19.82 13.53 -24.89
C LYS A 157 19.70 13.80 -23.39
N LEU A 158 20.81 13.61 -22.68
CA LEU A 158 20.84 13.67 -21.23
C LEU A 158 21.21 15.07 -20.72
N ASN A 159 20.39 15.62 -19.85
CA ASN A 159 20.62 16.95 -19.30
C ASN A 159 21.36 16.90 -17.97
N VAL A 160 22.21 17.89 -17.74
CA VAL A 160 22.92 18.03 -16.47
C VAL A 160 22.52 19.33 -15.79
N GLU A 161 21.97 19.22 -14.60
CA GLU A 161 21.60 20.40 -13.82
C GLU A 161 22.22 20.34 -12.43
N GLU A 162 22.52 21.50 -11.87
CA GLU A 162 23.20 21.56 -10.58
C GLU A 162 22.75 22.76 -9.76
N ARG A 163 22.53 22.52 -8.47
CA ARG A 163 22.14 23.58 -7.54
C ARG A 163 22.97 23.50 -6.27
N SER A 164 23.11 24.63 -5.58
CA SER A 164 23.72 24.65 -4.26
C SER A 164 22.71 25.21 -3.26
N VAL A 165 22.88 24.85 -2.00
CA VAL A 165 21.94 25.28 -0.96
C VAL A 165 22.60 25.36 0.42
N GLY A 166 22.41 26.50 1.08
CA GLY A 166 22.94 26.71 2.41
C GLY A 166 22.43 28.00 3.02
N PRO A 167 22.69 28.20 4.32
CA PRO A 167 23.42 27.27 5.18
C PRO A 167 22.50 26.25 5.85
N LEU A 168 22.92 24.99 5.84
CA LEU A 168 22.18 23.94 6.52
C LEU A 168 22.63 23.86 7.97
N THR A 169 21.67 23.72 8.89
CA THR A 169 21.97 23.75 10.31
C THR A 169 21.89 22.38 10.96
N ARG A 170 20.80 21.66 10.69
CA ARG A 170 20.53 20.39 11.36
C ARG A 170 21.46 19.28 10.90
N LYS A 171 21.45 18.17 11.63
CA LYS A 171 22.41 17.08 11.43
C LYS A 171 22.34 16.45 10.05
N GLY A 172 21.15 16.43 9.44
CA GLY A 172 20.98 15.82 8.15
C GLY A 172 19.94 16.51 7.29
N PHE A 173 19.55 15.84 6.20
CA PHE A 173 18.55 16.39 5.28
C PHE A 173 18.05 15.33 4.31
N TYR A 174 16.82 15.49 3.84
CA TYR A 174 16.27 14.65 2.79
C TYR A 174 16.21 15.42 1.48
N LEU A 175 16.12 14.69 0.37
CA LEU A 175 15.87 15.30 -0.93
C LEU A 175 14.58 14.75 -1.51
N ALA A 176 13.83 15.59 -2.22
CA ALA A 176 12.55 15.18 -2.78
C ALA A 176 12.44 15.56 -4.25
N PHE A 177 11.68 14.77 -5.00
CA PHE A 177 11.47 15.03 -6.43
C PHE A 177 9.99 14.93 -6.77
N GLN A 178 9.40 16.06 -7.15
CA GLN A 178 7.97 16.11 -7.47
C GLN A 178 7.72 15.98 -8.96
N ASP A 179 6.70 15.20 -9.32
CA ASP A 179 6.30 15.06 -10.71
C ASP A 179 4.91 15.65 -10.94
N ILE A 180 4.73 16.30 -12.09
CA ILE A 180 3.46 16.93 -12.42
C ILE A 180 2.87 16.40 -13.72
N GLY A 181 3.37 15.25 -14.15
CA GLY A 181 2.90 14.65 -15.40
C GLY A 181 3.90 14.88 -16.52
N ALA A 182 5.13 14.44 -16.29
CA ALA A 182 6.18 14.52 -17.29
C ALA A 182 6.85 13.15 -17.43
N CYS A 183 7.37 12.85 -18.62
CA CYS A 183 8.10 11.60 -18.80
C CYS A 183 9.57 11.83 -18.48
N VAL A 184 9.91 11.72 -17.21
CA VAL A 184 11.24 12.03 -16.72
C VAL A 184 11.96 10.77 -16.22
N ALA A 185 13.24 10.65 -16.56
CA ALA A 185 14.05 9.55 -16.09
C ALA A 185 15.26 10.08 -15.31
N LEU A 186 15.24 9.92 -13.99
CA LEU A 186 16.33 10.34 -13.14
C LEU A 186 17.43 9.28 -13.12
N LEU A 187 18.56 9.59 -13.75
CA LEU A 187 19.63 8.62 -13.91
C LEU A 187 20.72 8.74 -12.85
N SER A 188 20.89 9.95 -12.31
CA SER A 188 21.93 10.18 -11.32
C SER A 188 21.66 11.38 -10.43
N VAL A 189 21.80 11.19 -9.12
CA VAL A 189 21.84 12.31 -8.20
C VAL A 189 23.19 12.28 -7.50
N ARG A 190 23.74 13.46 -7.22
CA ARG A 190 25.00 13.57 -6.49
C ARG A 190 24.98 14.81 -5.61
N VAL A 191 25.07 14.60 -4.31
CA VAL A 191 25.23 15.71 -3.38
C VAL A 191 26.57 15.61 -2.66
N TYR A 192 27.29 16.73 -2.62
CA TYR A 192 28.63 16.75 -2.06
C TYR A 192 28.97 18.13 -1.51
N TYR A 193 30.21 18.28 -1.05
CA TYR A 193 30.71 19.60 -0.65
C TYR A 193 32.22 19.69 -0.90
N LYS A 194 32.67 20.89 -1.23
CA LYS A 194 34.08 21.13 -1.54
C LYS A 194 34.94 21.16 -0.29
N LYS A 195 36.24 21.38 -0.47
CA LYS A 195 37.17 21.50 0.63
C LYS A 195 38.28 22.46 0.24
N LYS B 22 32.48 5.00 28.32
CA LYS B 22 32.16 3.62 28.62
C LYS B 22 31.13 3.08 27.62
N GLU B 23 29.86 3.45 27.83
CA GLU B 23 28.80 3.09 26.90
C GLU B 23 28.47 4.23 25.95
N VAL B 24 28.73 4.02 24.66
CA VAL B 24 28.40 5.01 23.65
C VAL B 24 27.24 4.52 22.78
N VAL B 25 26.09 5.17 22.93
CA VAL B 25 24.86 4.72 22.28
C VAL B 25 24.85 5.01 20.78
N LEU B 26 24.40 4.02 20.00
CA LEU B 26 24.28 4.18 18.56
C LEU B 26 22.84 4.49 18.16
N LEU B 27 21.89 3.99 18.94
CA LEU B 27 20.48 4.20 18.66
C LEU B 27 19.63 3.97 19.91
N ASP B 28 18.77 4.94 20.23
CA ASP B 28 17.89 4.84 21.39
C ASP B 28 16.46 5.23 21.02
N PHE B 29 15.61 4.23 20.85
CA PHE B 29 14.24 4.44 20.39
C PHE B 29 13.42 5.33 21.31
N ALA B 30 13.64 5.19 22.61
CA ALA B 30 12.88 5.93 23.60
C ALA B 30 13.11 7.45 23.48
N ALA B 31 14.31 7.82 23.04
CA ALA B 31 14.68 9.23 22.90
C ALA B 31 13.75 9.97 21.95
N ALA B 32 13.70 9.51 20.70
CA ALA B 32 12.82 10.10 19.70
C ALA B 32 11.37 9.79 20.04
N GLY B 33 10.57 10.84 20.22
CA GLY B 33 9.18 10.66 20.58
C GLY B 33 8.35 10.07 19.47
N GLY B 34 8.68 8.85 19.06
CA GLY B 34 8.00 8.20 17.97
C GLY B 34 8.31 8.90 16.67
N GLU B 35 9.40 9.67 16.66
CA GLU B 35 9.82 10.42 15.48
C GLU B 35 10.42 9.52 14.43
N LEU B 36 10.70 8.28 14.80
CA LEU B 36 11.54 7.40 13.98
C LEU B 36 10.84 6.79 12.77
N GLY B 37 9.57 6.42 12.91
CA GLY B 37 8.80 5.85 11.81
C GLY B 37 9.52 4.72 11.09
N TRP B 38 9.69 3.59 11.78
CA TRP B 38 10.44 2.46 11.25
C TRP B 38 9.67 1.75 10.14
N LEU B 39 10.32 0.79 9.50
CA LEU B 39 9.72 0.04 8.41
C LEU B 39 8.83 -1.07 8.95
N THR B 40 7.65 -1.22 8.35
CA THR B 40 6.73 -2.29 8.72
C THR B 40 6.50 -3.21 7.53
N HIS B 41 6.31 -4.50 7.81
CA HIS B 41 6.05 -5.48 6.77
C HIS B 41 5.21 -6.64 7.30
N PRO B 42 4.19 -7.07 6.53
CA PRO B 42 3.76 -6.52 5.24
C PRO B 42 3.13 -5.13 5.36
N TYR B 43 3.18 -4.38 4.26
CA TYR B 43 2.70 -3.00 4.23
C TYR B 43 1.21 -2.89 4.58
N GLY B 44 0.92 -2.27 5.71
CA GLY B 44 -0.46 -2.04 6.12
C GLY B 44 -0.92 -2.87 7.29
N LYS B 45 -0.18 -3.93 7.62
CA LYS B 45 -0.54 -4.80 8.72
C LYS B 45 0.65 -5.01 9.67
N GLY B 46 0.44 -5.83 10.69
CA GLY B 46 1.50 -6.17 11.62
C GLY B 46 1.84 -5.07 12.61
N TRP B 47 3.12 -4.74 12.70
CA TRP B 47 3.60 -3.73 13.64
C TRP B 47 3.04 -2.35 13.33
N ASP B 48 2.60 -1.65 14.37
CA ASP B 48 2.05 -0.31 14.23
C ASP B 48 2.59 0.58 15.35
N LEU B 49 2.78 1.86 15.05
CA LEU B 49 3.29 2.81 16.04
C LEU B 49 2.16 3.32 16.92
N MET B 50 2.23 3.00 18.21
CA MET B 50 1.16 3.34 19.13
C MET B 50 1.55 4.45 20.11
N GLN B 51 0.57 4.96 20.84
CA GLN B 51 0.76 6.09 21.72
C GLN B 51 0.01 5.89 23.04
N ASN B 52 0.69 6.15 24.15
CA ASN B 52 0.06 6.01 25.46
C ASN B 52 0.27 7.24 26.34
N ILE B 53 -0.70 8.14 26.31
CA ILE B 53 -0.67 9.32 27.17
C ILE B 53 -1.38 9.01 28.48
N MET B 54 -0.61 9.01 29.57
CA MET B 54 -1.16 8.70 30.87
C MET B 54 -0.55 9.62 31.91
N ASN B 55 -1.40 10.35 32.64
CA ASN B 55 -0.97 11.42 33.54
C ASN B 55 -0.17 12.47 32.78
N ASP B 56 -0.55 12.69 31.53
CA ASP B 56 0.07 13.68 30.64
C ASP B 56 1.54 13.40 30.37
N MET B 57 1.93 12.12 30.44
CA MET B 57 3.27 11.72 30.08
C MET B 57 3.24 10.76 28.89
N PRO B 58 3.34 11.30 27.67
CA PRO B 58 3.26 10.53 26.43
C PRO B 58 4.31 9.43 26.31
N ILE B 59 3.86 8.21 26.06
CA ILE B 59 4.75 7.08 25.84
C ILE B 59 4.47 6.47 24.47
N TYR B 60 5.53 6.12 23.75
CA TYR B 60 5.39 5.56 22.41
C TYR B 60 5.90 4.13 22.34
N MET B 61 5.39 3.38 21.38
CA MET B 61 5.76 1.98 21.23
C MET B 61 5.34 1.40 19.89
N TYR B 62 6.01 0.32 19.49
CA TYR B 62 5.57 -0.50 18.37
C TYR B 62 4.94 -1.77 18.93
N SER B 63 3.70 -2.03 18.55
CA SER B 63 2.99 -3.20 19.09
C SER B 63 2.09 -3.88 18.07
N VAL B 64 1.95 -5.19 18.21
CA VAL B 64 1.07 -5.99 17.36
C VAL B 64 0.36 -7.03 18.22
N CYS B 65 -0.93 -7.23 17.97
CA CYS B 65 -1.69 -8.21 18.73
C CYS B 65 -2.66 -8.97 17.82
N ASN B 66 -2.15 -9.42 16.68
CA ASN B 66 -2.92 -10.27 15.78
C ASN B 66 -2.82 -11.72 16.23
N VAL B 67 -3.26 -11.96 17.46
CA VAL B 67 -3.07 -13.25 18.11
C VAL B 67 -3.91 -14.37 17.51
N MET B 68 -5.21 -14.12 17.33
CA MET B 68 -6.13 -15.17 16.91
C MET B 68 -6.26 -15.29 15.40
N SER B 69 -5.66 -14.35 14.68
CA SER B 69 -5.74 -14.34 13.22
C SER B 69 -4.77 -15.33 12.59
N GLY B 70 -4.89 -16.60 12.98
CA GLY B 70 -4.09 -17.67 12.42
C GLY B 70 -2.58 -17.47 12.53
N ASP B 71 -1.86 -17.85 11.49
CA ASP B 71 -0.40 -17.78 11.49
C ASP B 71 0.08 -16.43 10.97
N GLN B 72 1.03 -15.84 11.68
CA GLN B 72 1.51 -14.50 11.38
C GLN B 72 2.99 -14.48 11.01
N ASP B 73 3.42 -13.40 10.36
CA ASP B 73 4.82 -13.23 10.00
C ASP B 73 5.12 -11.74 9.83
N ASN B 74 4.90 -10.97 10.89
CA ASN B 74 5.06 -9.53 10.85
C ASN B 74 6.49 -9.10 11.18
N TRP B 75 6.99 -8.12 10.44
CA TRP B 75 8.38 -7.68 10.59
C TRP B 75 8.49 -6.19 10.91
N LEU B 76 9.47 -5.85 11.74
CA LEU B 76 9.75 -4.47 12.08
C LEU B 76 11.25 -4.18 11.98
N ARG B 77 11.63 -3.43 10.95
CA ARG B 77 13.04 -3.11 10.73
C ARG B 77 13.32 -1.66 11.11
N THR B 78 14.45 -1.45 11.78
CA THR B 78 14.87 -0.12 12.18
C THR B 78 15.45 0.65 11.00
N ASN B 79 15.85 1.89 11.25
CA ASN B 79 16.53 2.69 10.23
C ASN B 79 18.00 2.34 10.19
N TRP B 80 18.69 2.79 9.14
CA TRP B 80 20.10 2.46 8.98
C TRP B 80 20.96 3.10 10.06
N VAL B 81 21.59 2.26 10.87
CA VAL B 81 22.44 2.73 11.96
C VAL B 81 23.91 2.64 11.59
N TYR B 82 24.58 3.77 11.53
CA TYR B 82 25.99 3.84 11.19
C TYR B 82 26.85 3.16 12.26
N ARG B 83 27.60 2.14 11.86
CA ARG B 83 28.39 1.35 12.81
C ARG B 83 29.45 2.17 13.52
N GLY B 84 30.30 2.82 12.74
CA GLY B 84 31.39 3.59 13.31
C GLY B 84 32.55 2.70 13.71
N GLU B 85 33.21 3.05 14.81
CA GLU B 85 34.31 2.26 15.32
C GLU B 85 33.82 1.04 16.09
N ALA B 86 32.51 0.91 16.19
CA ALA B 86 31.89 -0.21 16.90
C ALA B 86 32.30 -1.54 16.31
N GLU B 87 32.48 -2.53 17.17
CA GLU B 87 32.88 -3.86 16.75
C GLU B 87 31.93 -4.90 17.34
N ARG B 88 31.60 -4.72 18.60
CA ARG B 88 30.72 -5.63 19.31
C ARG B 88 29.59 -4.84 19.98
N ILE B 89 28.44 -4.79 19.34
CA ILE B 89 27.33 -3.97 19.82
C ILE B 89 26.41 -4.74 20.77
N PHE B 90 25.70 -4.00 21.61
CA PHE B 90 24.84 -4.59 22.63
C PHE B 90 23.41 -4.07 22.49
N ILE B 91 22.46 -4.99 22.43
CA ILE B 91 21.06 -4.62 22.18
C ILE B 91 20.17 -4.83 23.40
N GLU B 92 19.50 -3.78 23.83
CA GLU B 92 18.63 -3.83 25.00
C GLU B 92 17.16 -3.59 24.63
N LEU B 93 16.30 -4.57 24.88
CA LEU B 93 14.88 -4.45 24.55
C LEU B 93 14.02 -4.50 25.81
N LYS B 94 13.03 -3.61 25.87
CA LYS B 94 12.04 -3.61 26.93
C LYS B 94 10.65 -3.78 26.32
N PHE B 95 9.86 -4.70 26.84
CA PHE B 95 8.63 -5.10 26.18
C PHE B 95 7.59 -5.72 27.11
N THR B 96 6.35 -5.78 26.63
CA THR B 96 5.26 -6.41 27.38
C THR B 96 4.57 -7.47 26.52
N VAL B 97 4.59 -8.72 26.99
CA VAL B 97 3.93 -9.81 26.27
C VAL B 97 2.72 -10.33 27.05
N ARG B 98 1.55 -10.25 26.42
CA ARG B 98 0.33 -10.68 27.09
C ARG B 98 0.21 -12.20 27.14
N ASP B 99 -0.27 -12.70 28.27
CA ASP B 99 -0.50 -14.13 28.45
C ASP B 99 -1.50 -14.64 27.42
N CYS B 100 -1.13 -15.71 26.72
CA CYS B 100 -1.97 -16.29 25.67
C CYS B 100 -3.31 -16.78 26.22
N ASN B 101 -3.34 -17.10 27.50
CA ASN B 101 -4.55 -17.59 28.15
C ASN B 101 -5.61 -16.50 28.33
N SER B 102 -5.24 -15.28 27.98
CA SER B 102 -6.13 -14.13 28.10
C SER B 102 -7.05 -14.03 26.89
N PHE B 103 -6.76 -14.86 25.89
CA PHE B 103 -7.57 -14.88 24.67
C PHE B 103 -8.18 -16.25 24.44
N PRO B 104 -9.49 -16.29 24.15
CA PRO B 104 -10.12 -17.57 23.79
C PRO B 104 -9.57 -18.06 22.46
N GLY B 105 -9.36 -19.36 22.33
CA GLY B 105 -8.64 -19.88 21.18
C GLY B 105 -7.20 -19.38 21.28
N GLY B 106 -6.60 -19.62 22.44
CA GLY B 106 -5.23 -19.22 22.70
C GLY B 106 -4.26 -20.35 22.42
N ALA B 107 -4.81 -21.48 21.98
CA ALA B 107 -3.99 -22.62 21.60
C ALA B 107 -3.58 -22.49 20.14
N SER B 108 -2.31 -22.76 19.86
CA SER B 108 -1.77 -22.71 18.50
C SER B 108 -1.79 -21.31 17.90
N SER B 109 -2.95 -20.64 18.00
CA SER B 109 -3.11 -19.31 17.41
C SER B 109 -2.14 -18.29 18.00
N CYS B 110 -2.01 -18.27 19.33
CA CYS B 110 -1.19 -17.27 20.00
C CYS B 110 0.18 -17.79 20.39
N LYS B 111 1.17 -16.90 20.35
CA LYS B 111 2.50 -17.21 20.83
C LYS B 111 2.89 -16.21 21.93
N GLU B 112 3.96 -16.51 22.66
CA GLU B 112 4.40 -15.65 23.75
C GLU B 112 5.83 -15.16 23.56
N THR B 113 6.33 -15.26 22.33
CA THR B 113 7.68 -14.78 22.03
C THR B 113 7.74 -14.04 20.70
N PHE B 114 8.82 -13.30 20.50
CA PHE B 114 9.13 -12.71 19.20
C PHE B 114 10.63 -12.85 18.95
N ASN B 115 11.05 -12.60 17.72
CA ASN B 115 12.44 -12.86 17.33
C ASN B 115 13.23 -11.59 17.06
N LEU B 116 14.55 -11.68 17.24
CA LEU B 116 15.44 -10.56 16.97
C LEU B 116 16.44 -10.91 15.89
N TYR B 117 16.38 -10.19 14.77
CA TYR B 117 17.30 -10.41 13.66
C TYR B 117 18.24 -9.22 13.47
N TYR B 118 19.24 -9.40 12.62
CA TYR B 118 20.14 -8.31 12.26
C TYR B 118 20.62 -8.47 10.83
N ALA B 119 21.22 -7.42 10.30
CA ALA B 119 21.76 -7.44 8.94
C ALA B 119 22.80 -6.34 8.75
N GLU B 120 23.95 -6.69 8.18
CA GLU B 120 25.00 -5.72 7.94
C GLU B 120 24.82 -5.08 6.57
N SER B 121 25.30 -3.85 6.43
CA SER B 121 25.18 -3.12 5.18
C SER B 121 26.20 -1.99 5.08
N ASP B 122 26.78 -1.83 3.90
CA ASP B 122 27.75 -0.76 3.67
C ASP B 122 27.06 0.53 3.24
N LEU B 123 25.77 0.43 2.90
CA LEU B 123 25.01 1.60 2.50
C LEU B 123 23.55 1.48 2.93
N ASP B 124 22.89 2.63 3.09
CA ASP B 124 21.49 2.65 3.47
C ASP B 124 20.62 2.05 2.37
N TYR B 125 20.10 0.85 2.62
CA TYR B 125 19.25 0.16 1.65
C TYR B 125 17.88 0.82 1.52
N GLY B 126 17.60 1.79 2.38
CA GLY B 126 16.33 2.50 2.34
C GLY B 126 15.16 1.60 2.66
N THR B 127 14.18 1.58 1.77
CA THR B 127 12.97 0.78 1.98
C THR B 127 13.14 -0.64 1.44
N ASN B 128 14.26 -0.87 0.76
CA ASN B 128 14.54 -2.19 0.20
C ASN B 128 14.71 -3.23 1.30
N PHE B 129 13.62 -3.87 1.68
CA PHE B 129 13.63 -4.85 2.76
C PHE B 129 13.44 -6.27 2.26
N GLN B 130 14.49 -7.07 2.36
CA GLN B 130 14.43 -8.49 2.03
C GLN B 130 14.71 -9.29 3.29
N LYS B 131 13.69 -9.97 3.82
CA LYS B 131 13.82 -10.68 5.09
C LYS B 131 14.66 -11.95 4.97
N ARG B 132 15.06 -12.29 3.76
CA ARG B 132 15.93 -13.43 3.53
C ARG B 132 17.38 -13.05 3.78
N LEU B 133 17.63 -11.76 3.99
CA LEU B 133 18.98 -11.25 4.18
C LEU B 133 19.29 -11.01 5.66
N PHE B 134 18.35 -11.37 6.52
CA PHE B 134 18.54 -11.17 7.96
C PHE B 134 18.91 -12.46 8.68
N THR B 135 19.99 -12.39 9.46
CA THR B 135 20.41 -13.52 10.29
C THR B 135 19.78 -13.39 11.67
N LYS B 136 19.45 -14.52 12.28
CA LYS B 136 18.81 -14.51 13.58
C LYS B 136 19.81 -14.31 14.71
N ILE B 137 19.44 -13.50 15.70
CA ILE B 137 20.28 -13.31 16.87
C ILE B 137 19.84 -14.28 17.97
N ASP B 138 18.59 -14.14 18.40
CA ASP B 138 18.00 -15.04 19.39
C ASP B 138 16.50 -14.82 19.51
N THR B 139 15.79 -15.83 20.03
CA THR B 139 14.39 -15.67 20.36
C THR B 139 14.26 -14.89 21.66
N ILE B 140 13.38 -13.88 21.67
CA ILE B 140 13.23 -13.03 22.84
C ILE B 140 12.00 -13.42 23.66
N ALA B 141 12.25 -13.91 24.87
CA ALA B 141 11.18 -14.37 25.74
C ALA B 141 11.06 -13.48 26.97
N PRO B 142 9.82 -13.22 27.41
CA PRO B 142 9.55 -12.42 28.60
C PRO B 142 9.69 -13.23 29.89
N ASP B 143 10.26 -12.63 30.93
CA ASP B 143 10.31 -13.27 32.23
C ASP B 143 8.93 -13.21 32.88
N GLU B 144 8.22 -12.11 32.60
CA GLU B 144 6.89 -11.92 33.14
C GLU B 144 5.89 -11.64 32.03
N ILE B 145 4.92 -12.53 31.85
CA ILE B 145 3.81 -12.28 30.95
C ILE B 145 2.67 -11.60 31.72
N THR B 146 2.05 -10.61 31.10
CA THR B 146 0.98 -9.87 31.77
C THR B 146 -0.38 -10.53 31.53
N VAL B 147 -1.12 -10.74 32.62
CA VAL B 147 -2.43 -11.36 32.54
C VAL B 147 -3.52 -10.28 32.54
N SER B 148 -4.75 -10.66 32.24
CA SER B 148 -5.87 -9.72 32.12
C SER B 148 -6.06 -8.84 33.34
N SER B 149 -5.92 -9.44 34.53
CA SER B 149 -6.12 -8.70 35.78
C SER B 149 -5.12 -7.56 35.92
N ASP B 150 -3.87 -7.82 35.56
CA ASP B 150 -2.83 -6.80 35.62
C ASP B 150 -2.97 -5.81 34.48
N PHE B 151 -3.41 -6.31 33.32
CA PHE B 151 -3.58 -5.48 32.14
C PHE B 151 -4.71 -4.47 32.33
N GLU B 152 -5.81 -4.91 32.90
CA GLU B 152 -6.98 -4.06 33.09
C GLU B 152 -6.76 -3.06 34.23
N ALA B 153 -5.79 -3.32 35.08
CA ALA B 153 -5.52 -2.45 36.23
C ALA B 153 -4.29 -1.60 35.99
N ARG B 154 -3.85 -1.53 34.74
CA ARG B 154 -2.68 -0.76 34.34
C ARG B 154 -1.44 -1.17 35.13
N HIS B 155 -1.31 -2.46 35.40
CA HIS B 155 -0.15 -3.00 36.09
C HIS B 155 0.58 -3.98 35.20
N VAL B 156 0.72 -3.63 33.92
CA VAL B 156 1.42 -4.51 32.98
C VAL B 156 2.87 -4.65 33.43
N LYS B 157 3.41 -5.85 33.28
CA LYS B 157 4.78 -6.12 33.70
C LYS B 157 5.71 -6.04 32.52
N LEU B 158 6.66 -5.11 32.59
CA LEU B 158 7.56 -4.82 31.48
C LEU B 158 8.87 -5.59 31.63
N ASN B 159 9.11 -6.51 30.68
CA ASN B 159 10.31 -7.33 30.70
C ASN B 159 11.52 -6.59 30.12
N VAL B 160 12.71 -6.99 30.54
CA VAL B 160 13.94 -6.43 30.01
C VAL B 160 14.88 -7.54 29.57
N GLU B 161 15.18 -7.58 28.27
CA GLU B 161 16.09 -8.57 27.72
C GLU B 161 17.22 -7.89 26.96
N GLU B 162 18.43 -8.43 27.08
CA GLU B 162 19.59 -7.83 26.45
C GLU B 162 20.47 -8.85 25.74
N ARG B 163 20.77 -8.57 24.47
CA ARG B 163 21.62 -9.45 23.68
C ARG B 163 22.78 -8.67 23.07
N SER B 164 23.79 -9.40 22.58
CA SER B 164 24.93 -8.77 21.93
C SER B 164 25.28 -9.50 20.64
N VAL B 165 25.77 -8.75 19.65
CA VAL B 165 26.14 -9.34 18.37
C VAL B 165 27.42 -8.71 17.83
N GLY B 166 28.27 -9.53 17.22
CA GLY B 166 29.52 -9.08 16.65
C GLY B 166 30.31 -10.26 16.10
N PRO B 167 31.36 -9.98 15.32
CA PRO B 167 31.81 -8.62 14.99
C PRO B 167 31.14 -8.07 13.74
N LEU B 168 30.72 -6.82 13.81
CA LEU B 168 30.18 -6.14 12.64
C LEU B 168 31.34 -5.50 11.86
N THR B 169 31.33 -5.68 10.54
CA THR B 169 32.46 -5.27 9.71
C THR B 169 32.08 -4.31 8.60
N ARG B 170 30.80 -3.98 8.50
CA ARG B 170 30.33 -3.08 7.45
CA ARG B 170 30.30 -3.09 7.45
C ARG B 170 29.94 -1.72 8.01
N LYS B 171 29.78 -0.75 7.11
CA LYS B 171 29.51 0.64 7.48
C LYS B 171 28.31 0.85 8.41
N GLY B 172 27.35 -0.07 8.37
CA GLY B 172 26.17 0.05 9.19
C GLY B 172 25.47 -1.27 9.45
N PHE B 173 24.27 -1.20 10.01
CA PHE B 173 23.48 -2.41 10.26
C PHE B 173 22.00 -2.10 10.48
N TYR B 174 21.17 -3.14 10.35
CA TYR B 174 19.74 -3.05 10.62
C TYR B 174 19.34 -4.04 11.71
N LEU B 175 18.42 -3.63 12.57
CA LEU B 175 17.83 -4.54 13.54
C LEU B 175 16.40 -4.86 13.15
N ALA B 176 16.02 -6.13 13.29
CA ALA B 176 14.70 -6.58 12.87
C ALA B 176 13.97 -7.30 14.00
N PHE B 177 12.66 -7.08 14.08
CA PHE B 177 11.83 -7.73 15.08
C PHE B 177 10.70 -8.49 14.39
N GLN B 178 10.62 -9.80 14.63
CA GLN B 178 9.64 -10.64 13.95
C GLN B 178 8.57 -11.16 14.89
N ASP B 179 7.31 -10.81 14.59
CA ASP B 179 6.18 -11.37 15.31
C ASP B 179 5.68 -12.61 14.57
N ILE B 180 5.37 -13.65 15.34
CA ILE B 180 4.90 -14.90 14.75
C ILE B 180 3.55 -15.33 15.33
N GLY B 181 2.82 -14.35 15.88
CA GLY B 181 1.50 -14.61 16.43
C GLY B 181 1.40 -14.23 17.90
N ALA B 182 2.28 -13.35 18.34
CA ALA B 182 2.32 -12.96 19.75
C ALA B 182 1.69 -11.59 19.97
N CYS B 183 1.37 -11.29 21.23
CA CYS B 183 0.80 -10.00 21.58
C CYS B 183 1.84 -9.13 22.27
N VAL B 184 2.76 -8.58 21.49
CA VAL B 184 3.91 -7.87 22.03
C VAL B 184 3.79 -6.35 21.89
N ALA B 185 4.35 -5.63 22.86
CA ALA B 185 4.54 -4.20 22.75
C ALA B 185 6.00 -3.85 22.98
N LEU B 186 6.62 -3.17 22.03
CA LEU B 186 8.03 -2.80 22.13
C LEU B 186 8.16 -1.37 22.63
N LEU B 187 8.61 -1.21 23.86
CA LEU B 187 8.67 0.13 24.46
C LEU B 187 10.03 0.80 24.37
N SER B 188 11.09 0.01 24.18
CA SER B 188 12.43 0.57 24.11
C SER B 188 13.45 -0.35 23.47
N VAL B 189 14.29 0.23 22.60
CA VAL B 189 15.48 -0.46 22.15
C VAL B 189 16.69 0.45 22.42
N ARG B 190 17.80 -0.17 22.84
CA ARG B 190 19.03 0.56 23.08
C ARG B 190 20.20 -0.25 22.53
N VAL B 191 20.88 0.28 21.53
CA VAL B 191 22.08 -0.37 21.03
C VAL B 191 23.31 0.50 21.23
N TYR B 192 24.32 -0.09 21.85
CA TYR B 192 25.55 0.61 22.19
C TYR B 192 26.73 -0.34 22.13
N TYR B 193 27.94 0.18 22.34
CA TYR B 193 29.12 -0.67 22.47
C TYR B 193 29.99 -0.16 23.61
N LYS B 194 31.06 -0.89 23.90
CA LYS B 194 31.94 -0.52 25.01
C LYS B 194 33.21 0.15 24.53
N LYS B 195 33.78 1.00 25.37
CA LYS B 195 34.95 1.78 25.01
C LYS B 195 35.99 1.77 26.13
N LYS C 22 -28.60 -15.19 -29.20
CA LYS C 22 -28.06 -16.54 -29.11
C LYS C 22 -26.87 -16.56 -28.14
N GLU C 23 -26.20 -15.42 -28.04
CA GLU C 23 -25.15 -15.24 -27.05
C GLU C 23 -25.51 -14.12 -26.08
N VAL C 24 -25.55 -14.43 -24.80
CA VAL C 24 -25.88 -13.44 -23.77
C VAL C 24 -24.64 -13.08 -22.97
N VAL C 25 -24.20 -11.83 -23.09
CA VAL C 25 -22.96 -11.39 -22.47
C VAL C 25 -23.13 -11.10 -20.99
N LEU C 26 -22.26 -11.69 -20.17
CA LEU C 26 -22.29 -11.45 -18.72
C LEU C 26 -21.29 -10.37 -18.33
N LEU C 27 -20.29 -10.16 -19.18
CA LEU C 27 -19.23 -9.18 -18.91
C LEU C 27 -18.40 -8.92 -20.17
N ASP C 28 -18.05 -7.66 -20.38
CA ASP C 28 -17.23 -7.26 -21.52
C ASP C 28 -16.33 -6.10 -21.13
N PHE C 29 -15.06 -6.41 -20.87
CA PHE C 29 -14.08 -5.41 -20.43
C PHE C 29 -13.92 -4.29 -21.46
N ALA C 30 -13.86 -4.66 -22.73
CA ALA C 30 -13.67 -3.68 -23.80
C ALA C 30 -14.87 -2.74 -23.91
N ALA C 31 -16.05 -3.25 -23.55
CA ALA C 31 -17.28 -2.48 -23.65
C ALA C 31 -17.26 -1.29 -22.69
N ALA C 32 -16.87 -1.54 -21.45
CA ALA C 32 -16.73 -0.47 -20.47
C ALA C 32 -15.48 0.35 -20.78
N GLY C 33 -15.59 1.66 -20.65
CA GLY C 33 -14.50 2.55 -21.01
C GLY C 33 -13.30 2.47 -20.10
N GLY C 34 -12.77 1.27 -19.92
CA GLY C 34 -11.62 1.06 -19.05
C GLY C 34 -11.87 1.49 -17.62
N GLU C 35 -13.12 1.46 -17.21
CA GLU C 35 -13.51 1.93 -15.89
C GLU C 35 -14.15 0.82 -15.08
N LEU C 36 -13.37 -0.20 -14.75
CA LEU C 36 -13.90 -1.37 -14.05
C LEU C 36 -13.26 -1.57 -12.68
N GLY C 37 -12.12 -0.92 -12.46
CA GLY C 37 -11.43 -0.99 -11.19
C GLY C 37 -11.21 -2.40 -10.68
N TRP C 38 -10.69 -3.26 -11.55
CA TRP C 38 -10.42 -4.64 -11.19
C TRP C 38 -9.36 -4.70 -10.10
N LEU C 39 -9.47 -5.71 -9.25
CA LEU C 39 -8.53 -5.90 -8.16
C LEU C 39 -7.19 -6.43 -8.66
N THR C 40 -6.11 -5.91 -8.10
CA THR C 40 -4.77 -6.39 -8.42
C THR C 40 -4.07 -6.84 -7.15
N HIS C 41 -3.30 -7.92 -7.25
CA HIS C 41 -2.55 -8.43 -6.11
C HIS C 41 -1.15 -8.85 -6.53
N PRO C 42 -0.13 -8.41 -5.78
CA PRO C 42 -0.24 -7.59 -4.56
C PRO C 42 -0.53 -6.12 -4.85
N TYR C 43 -0.91 -5.39 -3.81
CA TYR C 43 -1.26 -3.98 -3.90
C TYR C 43 -0.14 -3.17 -4.55
N GLY C 44 -0.47 -2.39 -5.57
CA GLY C 44 0.50 -1.56 -6.24
C GLY C 44 1.30 -2.28 -7.31
N LYS C 45 2.03 -3.30 -6.92
CA LYS C 45 2.86 -4.06 -7.84
C LYS C 45 2.02 -4.90 -8.79
N GLY C 46 2.65 -5.43 -9.84
CA GLY C 46 1.98 -6.33 -10.75
C GLY C 46 1.17 -5.65 -11.84
N TRP C 47 -0.05 -6.15 -12.04
CA TRP C 47 -0.92 -5.66 -13.10
C TRP C 47 -1.19 -4.16 -12.98
N ASP C 48 -1.42 -3.52 -14.12
CA ASP C 48 -1.71 -2.09 -14.16
C ASP C 48 -2.71 -1.79 -15.28
N LEU C 49 -3.57 -0.80 -15.05
CA LEU C 49 -4.53 -0.39 -16.07
C LEU C 49 -3.90 0.57 -17.05
N MET C 50 -3.79 0.16 -18.31
CA MET C 50 -3.11 0.97 -19.31
C MET C 50 -4.07 1.61 -20.31
N GLN C 51 -3.61 2.71 -20.91
CA GLN C 51 -4.41 3.49 -21.84
C GLN C 51 -3.66 3.69 -23.14
N ASN C 52 -4.30 3.35 -24.25
CA ASN C 52 -3.67 3.52 -25.56
C ASN C 52 -4.49 4.40 -26.49
N ILE C 53 -3.97 5.57 -26.79
CA ILE C 53 -4.63 6.48 -27.70
C ILE C 53 -3.96 6.42 -29.07
N MET C 54 -4.49 5.57 -29.94
CA MET C 54 -3.95 5.42 -31.28
C MET C 54 -4.91 6.00 -32.30
N ASN C 55 -4.49 7.08 -32.95
CA ASN C 55 -5.33 7.79 -33.92
C ASN C 55 -6.67 8.21 -33.30
N ASP C 56 -6.60 8.74 -32.09
CA ASP C 56 -7.76 9.30 -31.38
C ASP C 56 -8.80 8.26 -30.99
N MET C 57 -8.44 6.99 -31.05
CA MET C 57 -9.34 5.94 -30.59
C MET C 57 -8.74 5.23 -29.39
N PRO C 58 -9.26 5.54 -28.18
CA PRO C 58 -8.70 5.04 -26.92
C PRO C 58 -8.90 3.55 -26.72
N ILE C 59 -7.80 2.83 -26.52
CA ILE C 59 -7.86 1.40 -26.22
C ILE C 59 -7.41 1.17 -24.78
N TYR C 60 -8.13 0.32 -24.06
CA TYR C 60 -7.84 0.06 -22.66
C TYR C 60 -7.42 -1.39 -22.44
N MET C 61 -6.58 -1.62 -21.45
CA MET C 61 -5.98 -2.93 -21.23
C MET C 61 -5.36 -3.05 -19.85
N TYR C 62 -5.13 -4.30 -19.43
CA TYR C 62 -4.38 -4.57 -18.22
C TYR C 62 -3.03 -5.17 -18.57
N SER C 63 -1.96 -4.46 -18.23
CA SER C 63 -0.63 -4.89 -18.63
C SER C 63 0.27 -5.13 -17.42
N VAL C 64 1.12 -6.15 -17.54
CA VAL C 64 2.20 -6.37 -16.58
C VAL C 64 3.41 -6.88 -17.34
N CYS C 65 4.59 -6.36 -17.00
CA CYS C 65 5.81 -6.75 -17.67
C CYS C 65 7.03 -6.66 -16.76
N ASN C 66 7.01 -7.44 -15.69
CA ASN C 66 8.14 -7.53 -14.77
C ASN C 66 8.99 -8.74 -15.13
N VAL C 67 9.57 -8.72 -16.33
CA VAL C 67 10.27 -9.88 -16.85
C VAL C 67 11.58 -10.19 -16.13
N MET C 68 12.38 -9.17 -15.86
CA MET C 68 13.67 -9.37 -15.19
C MET C 68 13.53 -9.58 -13.69
N SER C 69 12.42 -9.07 -13.14
CA SER C 69 12.24 -8.88 -11.69
C SER C 69 12.56 -10.08 -10.80
N GLY C 70 12.23 -11.28 -11.27
CA GLY C 70 12.45 -12.48 -10.49
C GLY C 70 11.21 -13.34 -10.43
N ASP C 71 11.00 -14.04 -9.32
CA ASP C 71 9.80 -14.84 -9.14
C ASP C 71 8.59 -13.92 -9.11
N GLN C 72 7.63 -14.18 -9.99
CA GLN C 72 6.45 -13.33 -10.11
C GLN C 72 5.18 -14.10 -9.81
N ASP C 73 4.22 -13.41 -9.19
CA ASP C 73 2.93 -14.00 -8.85
C ASP C 73 1.89 -12.89 -8.78
N ASN C 74 1.72 -12.19 -9.89
CA ASN C 74 0.82 -11.05 -9.97
C ASN C 74 -0.58 -11.47 -10.38
N TRP C 75 -1.56 -11.16 -9.54
CA TRP C 75 -2.92 -11.61 -9.76
C TRP C 75 -3.87 -10.47 -10.13
N LEU C 76 -4.71 -10.73 -11.13
CA LEU C 76 -5.74 -9.80 -11.56
C LEU C 76 -7.11 -10.46 -11.45
N ARG C 77 -7.98 -9.88 -10.63
CA ARG C 77 -9.32 -10.44 -10.45
C ARG C 77 -10.40 -9.51 -10.98
N THR C 78 -11.40 -10.10 -11.63
CA THR C 78 -12.54 -9.34 -12.13
C THR C 78 -13.45 -8.91 -10.98
N ASN C 79 -14.53 -8.21 -11.30
CA ASN C 79 -15.55 -7.87 -10.32
C ASN C 79 -16.48 -9.06 -10.11
N TRP C 80 -17.54 -8.87 -9.34
CA TRP C 80 -18.50 -9.94 -9.12
C TRP C 80 -19.41 -10.08 -10.33
N VAL C 81 -19.34 -11.23 -10.98
CA VAL C 81 -20.14 -11.50 -12.17
C VAL C 81 -21.41 -12.27 -11.82
N TYR C 82 -22.56 -11.64 -12.01
CA TYR C 82 -23.85 -12.27 -11.77
C TYR C 82 -24.07 -13.41 -12.77
N ARG C 83 -24.37 -14.60 -12.27
CA ARG C 83 -24.48 -15.77 -13.13
C ARG C 83 -25.78 -15.77 -13.93
N GLY C 84 -26.89 -15.46 -13.27
CA GLY C 84 -28.19 -15.48 -13.92
C GLY C 84 -28.63 -16.89 -14.27
N GLU C 85 -29.14 -17.06 -15.48
CA GLU C 85 -29.63 -18.36 -15.93
C GLU C 85 -28.54 -19.14 -16.66
N ALA C 86 -27.29 -18.73 -16.47
CA ALA C 86 -26.17 -19.38 -17.16
C ALA C 86 -25.78 -20.68 -16.47
N GLU C 87 -25.36 -21.66 -17.27
CA GLU C 87 -24.91 -22.94 -16.74
C GLU C 87 -23.47 -23.21 -17.15
N ARG C 88 -23.23 -23.29 -18.46
CA ARG C 88 -21.87 -23.41 -18.97
C ARG C 88 -21.47 -22.12 -19.67
N ILE C 89 -20.53 -21.39 -19.08
CA ILE C 89 -20.12 -20.10 -19.62
C ILE C 89 -18.90 -20.24 -20.53
N PHE C 90 -18.76 -19.29 -21.46
CA PHE C 90 -17.64 -19.27 -22.38
C PHE C 90 -16.79 -18.01 -22.19
N ILE C 91 -15.48 -18.20 -22.04
CA ILE C 91 -14.58 -17.08 -21.79
C ILE C 91 -13.67 -16.79 -22.96
N GLU C 92 -13.78 -15.61 -23.54
CA GLU C 92 -12.95 -15.22 -24.68
C GLU C 92 -11.94 -14.14 -24.30
N LEU C 93 -10.66 -14.42 -24.51
CA LEU C 93 -9.60 -13.50 -24.13
C LEU C 93 -8.75 -13.04 -25.31
N LYS C 94 -8.57 -11.73 -25.43
CA LYS C 94 -7.68 -11.16 -26.44
C LYS C 94 -6.46 -10.54 -25.78
N PHE C 95 -5.27 -10.95 -26.23
CA PHE C 95 -4.04 -10.53 -25.57
C PHE C 95 -2.81 -10.54 -26.49
N THR C 96 -1.72 -9.97 -26.00
CA THR C 96 -0.44 -9.99 -26.70
C THR C 96 0.66 -10.43 -25.74
N VAL C 97 1.52 -11.34 -26.20
CA VAL C 97 2.64 -11.80 -25.39
C VAL C 97 3.96 -11.55 -26.09
N ARG C 98 4.80 -10.72 -25.48
CA ARG C 98 6.08 -10.34 -26.07
C ARG C 98 7.07 -11.49 -26.08
N ASP C 99 7.84 -11.59 -27.16
CA ASP C 99 8.91 -12.57 -27.28
C ASP C 99 9.95 -12.36 -26.19
N CYS C 100 10.22 -13.40 -25.41
CA CYS C 100 11.20 -13.32 -24.32
C CYS C 100 12.59 -12.95 -24.82
N ASN C 101 12.88 -13.29 -26.06
CA ASN C 101 14.18 -12.99 -26.65
C ASN C 101 14.36 -11.51 -26.93
N SER C 102 13.28 -10.75 -26.75
CA SER C 102 13.34 -9.30 -26.89
C SER C 102 14.09 -8.66 -25.73
N PHE C 103 14.10 -9.37 -24.60
CA PHE C 103 14.77 -8.86 -23.42
C PHE C 103 15.99 -9.72 -23.04
N PRO C 104 17.19 -9.12 -23.09
CA PRO C 104 18.42 -9.79 -22.64
C PRO C 104 18.43 -9.96 -21.12
N GLY C 105 18.69 -11.18 -20.66
CA GLY C 105 18.55 -11.49 -19.25
C GLY C 105 17.19 -12.12 -19.00
N GLY C 106 16.44 -12.28 -20.09
CA GLY C 106 15.12 -12.86 -20.04
C GLY C 106 15.11 -14.37 -20.23
N ALA C 107 15.88 -15.05 -19.39
CA ALA C 107 15.83 -16.51 -19.29
C ALA C 107 15.62 -16.86 -17.83
N SER C 108 14.74 -17.84 -17.59
CA SER C 108 14.30 -18.20 -16.24
C SER C 108 13.44 -17.10 -15.62
N SER C 109 13.84 -15.85 -15.84
CA SER C 109 13.09 -14.70 -15.36
C SER C 109 11.84 -14.46 -16.21
N CYS C 110 11.96 -14.60 -17.52
CA CYS C 110 10.86 -14.29 -18.44
C CYS C 110 10.07 -15.52 -18.84
N LYS C 111 8.76 -15.38 -18.86
CA LYS C 111 7.86 -16.43 -19.33
C LYS C 111 7.09 -15.96 -20.56
N GLU C 112 6.28 -16.83 -21.14
CA GLU C 112 5.52 -16.47 -22.34
C GLU C 112 4.06 -16.94 -22.27
N THR C 113 3.58 -17.24 -21.06
CA THR C 113 2.19 -17.63 -20.87
C THR C 113 1.60 -16.99 -19.61
N PHE C 114 0.28 -17.08 -19.46
CA PHE C 114 -0.38 -16.73 -18.21
C PHE C 114 -1.50 -17.70 -17.89
N ASN C 115 -1.87 -17.77 -16.63
CA ASN C 115 -2.88 -18.73 -16.18
C ASN C 115 -4.25 -18.09 -15.99
N LEU C 116 -5.30 -18.88 -16.14
CA LEU C 116 -6.66 -18.42 -15.96
C LEU C 116 -7.38 -19.17 -14.85
N TYR C 117 -7.91 -18.42 -13.88
CA TYR C 117 -8.60 -19.02 -12.74
C TYR C 117 -10.05 -18.56 -12.64
N TYR C 118 -10.80 -19.19 -11.75
CA TYR C 118 -12.19 -18.81 -11.50
C TYR C 118 -12.64 -19.34 -10.14
N ALA C 119 -13.71 -18.77 -9.60
CA ALA C 119 -14.27 -19.20 -8.33
C ALA C 119 -15.72 -18.76 -8.18
N GLU C 120 -16.60 -19.69 -7.83
CA GLU C 120 -18.00 -19.38 -7.61
C GLU C 120 -18.25 -18.90 -6.18
N SER C 121 -19.27 -18.08 -6.01
CA SER C 121 -19.67 -17.60 -4.70
C SER C 121 -21.11 -17.12 -4.71
N ASP C 122 -21.76 -17.16 -3.55
CA ASP C 122 -23.16 -16.76 -3.44
C ASP C 122 -23.30 -15.26 -3.15
N LEU C 123 -22.26 -14.67 -2.58
CA LEU C 123 -22.27 -13.24 -2.31
C LEU C 123 -21.01 -12.57 -2.81
N ASP C 124 -21.12 -11.28 -3.12
CA ASP C 124 -19.98 -10.47 -3.54
C ASP C 124 -18.97 -10.36 -2.39
N TYR C 125 -17.77 -10.89 -2.60
CA TYR C 125 -16.76 -10.92 -1.54
C TYR C 125 -15.92 -9.65 -1.50
N GLY C 126 -16.19 -8.72 -2.42
CA GLY C 126 -15.51 -7.44 -2.42
C GLY C 126 -14.01 -7.50 -2.60
N THR C 127 -13.28 -7.00 -1.60
CA THR C 127 -11.82 -6.96 -1.66
C THR C 127 -11.20 -8.19 -0.99
N ASN C 128 -12.05 -9.04 -0.42
CA ASN C 128 -11.59 -10.26 0.22
C ASN C 128 -11.01 -11.22 -0.82
N PHE C 129 -9.74 -11.03 -1.15
CA PHE C 129 -9.09 -11.86 -2.16
C PHE C 129 -8.31 -13.00 -1.55
N GLN C 130 -8.84 -14.20 -1.70
CA GLN C 130 -8.16 -15.42 -1.28
C GLN C 130 -7.82 -16.23 -2.52
N LYS C 131 -6.55 -16.30 -2.86
CA LYS C 131 -6.12 -16.99 -4.08
C LYS C 131 -6.32 -18.50 -3.97
N ARG C 132 -6.21 -19.02 -2.76
CA ARG C 132 -6.33 -20.47 -2.53
C ARG C 132 -7.74 -20.98 -2.83
N LEU C 133 -8.68 -20.07 -3.02
CA LEU C 133 -10.07 -20.43 -3.27
C LEU C 133 -10.38 -20.50 -4.77
N PHE C 134 -9.53 -19.87 -5.58
CA PHE C 134 -9.73 -19.89 -7.03
C PHE C 134 -9.30 -21.20 -7.64
N THR C 135 -10.06 -21.68 -8.62
CA THR C 135 -9.76 -22.92 -9.31
C THR C 135 -9.27 -22.66 -10.73
N LYS C 136 -8.14 -23.25 -11.08
CA LYS C 136 -7.51 -23.02 -12.38
C LYS C 136 -8.32 -23.63 -13.52
N ILE C 137 -8.37 -22.93 -14.65
CA ILE C 137 -9.05 -23.42 -15.83
C ILE C 137 -8.06 -24.06 -16.81
N ASP C 138 -7.08 -23.27 -17.23
CA ASP C 138 -6.05 -23.73 -18.16
C ASP C 138 -4.94 -22.69 -18.30
N THR C 139 -3.73 -23.14 -18.61
CA THR C 139 -2.65 -22.22 -18.94
C THR C 139 -2.91 -21.62 -20.31
N ILE C 140 -3.02 -20.30 -20.37
CA ILE C 140 -3.30 -19.62 -21.63
C ILE C 140 -2.01 -19.33 -22.40
N ALA C 141 -1.87 -19.98 -23.55
CA ALA C 141 -0.70 -19.80 -24.40
C ALA C 141 -1.08 -19.11 -25.70
N PRO C 142 -0.19 -18.24 -26.22
CA PRO C 142 -0.47 -17.47 -27.43
C PRO C 142 -0.06 -18.19 -28.72
N ASP C 143 -0.88 -18.05 -29.76
CA ASP C 143 -0.56 -18.61 -31.06
C ASP C 143 0.48 -17.75 -31.76
N GLU C 144 0.66 -16.53 -31.26
CA GLU C 144 1.52 -15.57 -31.93
C GLU C 144 2.18 -14.60 -30.95
N ILE C 145 3.51 -14.65 -30.88
CA ILE C 145 4.25 -13.72 -30.03
C ILE C 145 4.70 -12.50 -30.83
N THR C 146 4.79 -11.36 -30.15
CA THR C 146 5.16 -10.11 -30.80
C THR C 146 6.67 -9.85 -30.69
N VAL C 147 7.39 -10.18 -31.76
CA VAL C 147 8.82 -9.90 -31.83
C VAL C 147 9.05 -8.38 -31.88
N SER C 148 10.17 -7.93 -31.33
CA SER C 148 10.53 -6.51 -31.28
C SER C 148 10.41 -5.82 -32.64
N SER C 149 10.68 -6.57 -33.71
CA SER C 149 10.60 -6.05 -35.06
C SER C 149 9.20 -5.52 -35.36
N ASP C 150 8.20 -6.27 -34.89
CA ASP C 150 6.81 -5.89 -35.09
C ASP C 150 6.30 -4.95 -34.00
N PHE C 151 7.00 -4.95 -32.87
CA PHE C 151 6.62 -4.11 -31.74
C PHE C 151 7.15 -2.69 -31.89
N GLU C 152 8.33 -2.57 -32.51
CA GLU C 152 8.89 -1.26 -32.83
C GLU C 152 8.00 -0.58 -33.84
N ALA C 153 7.57 -1.35 -34.85
CA ALA C 153 6.49 -0.92 -35.72
C ALA C 153 5.18 -1.02 -34.94
N ARG C 154 4.10 -0.53 -35.50
CA ARG C 154 2.84 -0.51 -34.77
C ARG C 154 1.99 -1.74 -35.05
N HIS C 155 2.63 -2.84 -35.43
CA HIS C 155 1.92 -4.06 -35.76
C HIS C 155 2.17 -5.18 -34.76
N VAL C 156 1.67 -5.03 -33.54
CA VAL C 156 1.74 -6.12 -32.58
C VAL C 156 0.72 -7.17 -32.98
N LYS C 157 0.91 -8.41 -32.55
CA LYS C 157 0.03 -9.48 -32.97
C LYS C 157 -0.81 -9.99 -31.81
N LEU C 158 -2.11 -9.75 -31.92
CA LEU C 158 -3.05 -10.00 -30.84
C LEU C 158 -3.72 -11.36 -30.94
N ASN C 159 -3.54 -12.18 -29.91
CA ASN C 159 -4.08 -13.53 -29.88
C ASN C 159 -5.49 -13.59 -29.32
N VAL C 160 -6.27 -14.56 -29.78
CA VAL C 160 -7.61 -14.79 -29.23
C VAL C 160 -7.70 -16.20 -28.68
N GLU C 161 -8.13 -16.32 -27.42
CA GLU C 161 -8.29 -17.63 -26.80
C GLU C 161 -9.65 -17.75 -26.12
N GLU C 162 -10.28 -18.90 -26.29
CA GLU C 162 -11.58 -19.14 -25.69
C GLU C 162 -11.58 -20.39 -24.83
N ARG C 163 -12.24 -20.30 -23.67
CA ARG C 163 -12.32 -21.43 -22.75
C ARG C 163 -13.75 -21.63 -22.23
N SER C 164 -14.12 -22.89 -22.01
CA SER C 164 -15.43 -23.23 -21.47
C SER C 164 -15.29 -23.76 -20.04
N VAL C 165 -16.34 -23.58 -19.25
CA VAL C 165 -16.35 -24.05 -17.87
C VAL C 165 -17.77 -24.17 -17.32
N GLY C 166 -18.05 -25.32 -16.71
CA GLY C 166 -19.34 -25.58 -16.10
C GLY C 166 -19.33 -26.95 -15.44
N PRO C 167 -20.42 -27.28 -14.73
CA PRO C 167 -21.61 -26.46 -14.53
C PRO C 167 -21.50 -25.50 -13.35
N LEU C 168 -21.86 -24.23 -13.56
CA LEU C 168 -21.88 -23.25 -12.48
C LEU C 168 -23.23 -23.31 -11.78
N THR C 169 -23.23 -23.19 -10.46
CA THR C 169 -24.43 -23.41 -9.67
C THR C 169 -24.81 -22.23 -8.79
N ARG C 170 -23.83 -21.40 -8.42
CA ARG C 170 -24.06 -20.36 -7.43
C ARG C 170 -24.45 -19.02 -8.06
N LYS C 171 -24.80 -18.06 -7.20
CA LYS C 171 -25.28 -16.76 -7.65
C LYS C 171 -24.29 -16.00 -8.52
N GLY C 172 -23.01 -16.11 -8.20
CA GLY C 172 -21.99 -15.38 -8.94
C GLY C 172 -20.65 -16.11 -9.05
N PHE C 173 -19.71 -15.47 -9.73
CA PHE C 173 -18.38 -16.04 -9.89
C PHE C 173 -17.36 -14.98 -10.26
N TYR C 174 -16.09 -15.27 -10.02
CA TYR C 174 -15.00 -14.38 -10.40
C TYR C 174 -14.12 -15.02 -11.47
N LEU C 175 -13.33 -14.19 -12.14
CA LEU C 175 -12.29 -14.68 -13.05
C LEU C 175 -10.97 -14.07 -12.64
N ALA C 176 -9.93 -14.91 -12.55
CA ALA C 176 -8.62 -14.46 -12.10
C ALA C 176 -7.56 -14.67 -13.16
N PHE C 177 -6.60 -13.74 -13.22
CA PHE C 177 -5.52 -13.81 -14.19
C PHE C 177 -4.18 -13.74 -13.47
N GLN C 178 -3.37 -14.79 -13.62
CA GLN C 178 -2.09 -14.86 -12.93
C GLN C 178 -0.91 -14.68 -13.88
N ASP C 179 -0.11 -13.65 -13.63
CA ASP C 179 1.13 -13.45 -14.37
C ASP C 179 2.28 -14.07 -13.60
N ILE C 180 3.06 -14.90 -14.29
CA ILE C 180 4.20 -15.55 -13.66
C ILE C 180 5.51 -15.05 -14.26
N GLY C 181 5.43 -13.94 -14.97
CA GLY C 181 6.63 -13.29 -15.51
C GLY C 181 6.66 -13.12 -17.01
N ALA C 182 5.59 -12.57 -17.56
CA ALA C 182 5.52 -12.34 -19.01
C ALA C 182 4.99 -10.94 -19.31
N CYS C 183 5.35 -10.42 -20.48
CA CYS C 183 4.88 -9.11 -20.93
C CYS C 183 3.52 -9.26 -21.59
N VAL C 184 2.48 -9.37 -20.77
CA VAL C 184 1.13 -9.65 -21.26
C VAL C 184 0.26 -8.41 -21.26
N ALA C 185 -0.49 -8.21 -22.35
CA ALA C 185 -1.44 -7.11 -22.43
C ALA C 185 -2.85 -7.65 -22.67
N LEU C 186 -3.64 -7.70 -21.60
CA LEU C 186 -5.01 -8.18 -21.71
C LEU C 186 -5.93 -7.07 -22.19
N LEU C 187 -6.26 -7.11 -23.48
CA LEU C 187 -7.08 -6.05 -24.09
C LEU C 187 -8.57 -6.31 -24.01
N SER C 188 -8.97 -7.57 -24.06
CA SER C 188 -10.40 -7.90 -24.10
C SER C 188 -10.74 -9.20 -23.36
N VAL C 189 -11.79 -9.13 -22.55
CA VAL C 189 -12.39 -10.33 -21.98
C VAL C 189 -13.88 -10.32 -22.26
N ARG C 190 -14.46 -11.51 -22.41
CA ARG C 190 -15.90 -11.63 -22.64
C ARG C 190 -16.38 -12.98 -22.16
N VAL C 191 -17.29 -12.96 -21.19
CA VAL C 191 -17.89 -14.20 -20.70
C VAL C 191 -19.38 -14.22 -21.03
N TYR C 192 -19.83 -15.30 -21.68
CA TYR C 192 -21.21 -15.40 -22.12
C TYR C 192 -21.73 -16.82 -22.03
N TYR C 193 -23.03 -16.98 -22.27
CA TYR C 193 -23.62 -18.31 -22.36
C TYR C 193 -24.60 -18.35 -23.52
N LYS C 194 -24.86 -19.55 -24.02
CA LYS C 194 -25.68 -19.72 -25.22
C LYS C 194 -27.13 -20.03 -24.88
N LYS C 195 -28.03 -19.56 -25.73
CA LYS C 195 -29.47 -19.69 -25.47
C LYS C 195 -30.28 -19.97 -26.74
N LYS D 22 -43.91 -5.57 3.25
CA LYS D 22 -42.90 -6.61 3.19
C LYS D 22 -41.52 -6.03 2.90
N GLU D 23 -40.51 -6.52 3.62
CA GLU D 23 -39.15 -6.04 3.46
C GLU D 23 -38.32 -6.92 2.53
N VAL D 24 -37.58 -6.28 1.63
CA VAL D 24 -36.66 -6.99 0.74
C VAL D 24 -35.25 -6.44 0.93
N VAL D 25 -34.39 -7.22 1.58
CA VAL D 25 -33.05 -6.77 1.91
C VAL D 25 -32.10 -6.86 0.73
N LEU D 26 -31.43 -5.75 0.42
CA LEU D 26 -30.47 -5.69 -0.67
C LEU D 26 -29.07 -6.04 -0.17
N LEU D 27 -28.79 -5.65 1.07
CA LEU D 27 -27.47 -5.87 1.66
C LEU D 27 -27.56 -5.90 3.17
N ASP D 28 -26.94 -6.91 3.77
CA ASP D 28 -26.89 -7.04 5.22
C ASP D 28 -25.52 -7.54 5.65
N PHE D 29 -24.67 -6.62 6.11
CA PHE D 29 -23.32 -6.97 6.53
C PHE D 29 -23.30 -7.94 7.69
N ALA D 30 -24.23 -7.76 8.63
CA ALA D 30 -24.30 -8.63 9.79
C ALA D 30 -24.61 -10.07 9.40
N ALA D 31 -25.48 -10.22 8.41
CA ALA D 31 -25.91 -11.53 7.95
C ALA D 31 -24.75 -12.41 7.51
N ALA D 32 -23.92 -11.89 6.61
CA ALA D 32 -22.76 -12.62 6.14
C ALA D 32 -21.68 -12.62 7.20
N GLY D 33 -20.93 -13.72 7.30
CA GLY D 33 -19.94 -13.87 8.34
C GLY D 33 -18.71 -13.00 8.18
N GLY D 34 -18.92 -11.71 8.00
CA GLY D 34 -17.85 -10.73 7.87
C GLY D 34 -16.89 -11.06 6.75
N GLU D 35 -17.42 -11.32 5.56
CA GLU D 35 -16.61 -11.74 4.43
C GLU D 35 -16.73 -10.80 3.24
N LEU D 36 -17.47 -9.71 3.42
CA LEU D 36 -17.74 -8.77 2.33
C LEU D 36 -16.50 -8.02 1.85
N GLY D 37 -15.52 -7.88 2.73
CA GLY D 37 -14.27 -7.21 2.40
C GLY D 37 -14.47 -5.85 1.75
N TRP D 38 -15.05 -4.92 2.49
CA TRP D 38 -15.32 -3.58 1.96
C TRP D 38 -14.04 -2.81 1.70
N LEU D 39 -14.13 -1.83 0.80
CA LEU D 39 -12.99 -1.00 0.43
C LEU D 39 -12.68 0.03 1.51
N THR D 40 -11.41 0.18 1.83
CA THR D 40 -10.99 1.10 2.89
C THR D 40 -9.96 2.12 2.41
N HIS D 41 -10.29 3.39 2.52
CA HIS D 41 -9.37 4.47 2.20
C HIS D 41 -9.18 5.37 3.41
N PRO D 42 -7.92 5.69 3.74
CA PRO D 42 -6.71 5.29 3.01
C PRO D 42 -6.22 3.90 3.39
N TYR D 43 -5.57 3.24 2.43
CA TYR D 43 -5.03 1.90 2.62
C TYR D 43 -4.04 1.84 3.77
N GLY D 44 -4.27 0.93 4.70
CA GLY D 44 -3.38 0.76 5.84
C GLY D 44 -3.96 1.27 7.15
N LYS D 45 -4.41 2.52 7.14
CA LYS D 45 -5.02 3.13 8.31
C LYS D 45 -6.53 3.15 8.19
N GLY D 46 -7.19 3.90 9.07
CA GLY D 46 -8.63 4.05 9.03
C GLY D 46 -9.39 2.85 9.57
N TRP D 47 -10.49 2.51 8.91
CA TRP D 47 -11.36 1.42 9.34
C TRP D 47 -10.63 0.08 9.30
N ASP D 48 -11.21 -0.91 9.96
CA ASP D 48 -10.61 -2.24 10.04
C ASP D 48 -11.65 -3.29 10.41
N LEU D 49 -11.49 -4.50 9.89
CA LEU D 49 -12.44 -5.58 10.15
C LEU D 49 -12.12 -6.29 11.45
N MET D 50 -12.94 -6.03 12.48
CA MET D 50 -12.68 -6.58 13.81
C MET D 50 -13.62 -7.75 14.14
N GLN D 51 -13.17 -8.60 15.05
CA GLN D 51 -13.89 -9.82 15.40
C GLN D 51 -14.02 -9.97 16.92
N ASN D 52 -15.09 -10.59 17.38
CA ASN D 52 -15.31 -10.80 18.80
C ASN D 52 -16.06 -12.09 19.11
N ILE D 53 -15.63 -12.77 20.17
CA ILE D 53 -16.26 -14.02 20.60
C ILE D 53 -16.95 -13.84 21.95
N MET D 54 -18.18 -13.31 21.91
CA MET D 54 -18.98 -13.18 23.12
C MET D 54 -19.78 -14.46 23.32
N ASN D 55 -20.26 -15.02 22.21
CA ASN D 55 -20.84 -16.35 22.20
C ASN D 55 -20.00 -17.26 21.32
N ASP D 56 -20.35 -18.54 21.24
CA ASP D 56 -19.62 -19.49 20.41
C ASP D 56 -19.55 -18.99 18.96
N MET D 57 -20.61 -18.31 18.53
CA MET D 57 -20.63 -17.66 17.22
C MET D 57 -20.00 -16.28 17.31
N PRO D 58 -19.00 -16.01 16.46
CA PRO D 58 -18.26 -14.75 16.43
C PRO D 58 -19.09 -13.55 15.96
N ILE D 59 -18.64 -12.35 16.33
CA ILE D 59 -19.28 -11.11 15.89
C ILE D 59 -18.30 -10.27 15.08
N TYR D 60 -18.74 -9.81 13.92
CA TYR D 60 -17.86 -9.04 13.04
C TYR D 60 -18.33 -7.59 12.93
N MET D 61 -17.37 -6.70 12.66
CA MET D 61 -17.64 -5.26 12.67
C MET D 61 -16.54 -4.49 11.95
N TYR D 62 -16.77 -3.20 11.74
CA TYR D 62 -15.74 -2.32 11.19
C TYR D 62 -15.43 -1.21 12.18
N SER D 63 -14.28 -1.32 12.84
CA SER D 63 -13.93 -0.40 13.91
C SER D 63 -12.81 0.56 13.51
N VAL D 64 -12.88 1.77 14.04
CA VAL D 64 -11.82 2.77 13.86
C VAL D 64 -11.78 3.66 15.11
N CYS D 65 -10.59 4.03 15.54
CA CYS D 65 -10.45 4.81 16.77
C CYS D 65 -9.13 5.58 16.82
N ASN D 66 -8.87 6.39 15.79
CA ASN D 66 -7.71 7.28 15.78
C ASN D 66 -8.06 8.61 16.44
N VAL D 67 -8.16 8.60 17.77
CA VAL D 67 -8.71 9.73 18.49
C VAL D 67 -7.72 10.88 18.72
N MET D 68 -6.57 10.58 19.31
CA MET D 68 -5.61 11.61 19.69
C MET D 68 -4.61 11.88 18.57
N SER D 69 -4.82 11.25 17.43
CA SER D 69 -3.96 11.46 16.27
C SER D 69 -4.18 12.85 15.68
N GLY D 70 -5.41 13.33 15.77
CA GLY D 70 -5.77 14.63 15.23
C GLY D 70 -6.95 14.53 14.30
N ASP D 71 -6.93 15.30 13.21
CA ASP D 71 -7.99 15.23 12.20
C ASP D 71 -7.82 13.98 11.34
N GLN D 72 -8.93 13.29 11.09
CA GLN D 72 -8.89 12.05 10.33
C GLN D 72 -9.90 12.07 9.19
N ASP D 73 -9.57 11.39 8.10
CA ASP D 73 -10.44 11.31 6.94
C ASP D 73 -10.48 9.89 6.40
N ASN D 74 -11.08 8.99 7.17
CA ASN D 74 -11.10 7.58 6.83
C ASN D 74 -12.43 7.13 6.24
N TRP D 75 -12.41 6.57 5.04
CA TRP D 75 -13.63 6.18 4.34
C TRP D 75 -13.79 4.68 4.23
N LEU D 76 -15.03 4.21 4.39
CA LEU D 76 -15.35 2.79 4.25
C LEU D 76 -16.50 2.61 3.25
N ARG D 77 -16.19 2.06 2.09
CA ARG D 77 -17.19 1.91 1.03
C ARG D 77 -17.67 0.47 0.89
N THR D 78 -18.99 0.31 0.76
CA THR D 78 -19.60 -1.00 0.61
C THR D 78 -19.32 -1.61 -0.77
N ASN D 79 -19.85 -2.81 -0.99
CA ASN D 79 -19.80 -3.44 -2.30
C ASN D 79 -20.76 -2.75 -3.27
N TRP D 80 -20.86 -3.27 -4.49
CA TRP D 80 -21.84 -2.76 -5.44
C TRP D 80 -23.20 -3.37 -5.14
N VAL D 81 -24.13 -2.53 -4.71
CA VAL D 81 -25.46 -3.01 -4.36
C VAL D 81 -26.44 -2.82 -5.51
N TYR D 82 -26.99 -3.93 -6.00
CA TYR D 82 -27.93 -3.88 -7.11
C TYR D 82 -29.26 -3.28 -6.67
N ARG D 83 -29.65 -2.19 -7.32
CA ARG D 83 -30.88 -1.48 -6.97
C ARG D 83 -32.10 -2.38 -7.11
N GLY D 84 -32.13 -3.15 -8.19
CA GLY D 84 -33.30 -3.96 -8.50
C GLY D 84 -34.44 -3.07 -8.96
N GLU D 85 -35.60 -3.26 -8.36
CA GLU D 85 -36.75 -2.42 -8.66
C GLU D 85 -37.06 -1.51 -7.48
N ALA D 86 -36.07 -1.32 -6.62
CA ALA D 86 -36.23 -0.46 -5.45
C ALA D 86 -36.30 1.01 -5.85
N GLU D 87 -37.24 1.73 -5.26
CA GLU D 87 -37.39 3.15 -5.55
C GLU D 87 -36.75 3.98 -4.44
N ARG D 88 -37.18 3.73 -3.20
CA ARG D 88 -36.55 4.35 -2.04
C ARG D 88 -36.07 3.27 -1.08
N ILE D 89 -34.81 3.38 -0.67
CA ILE D 89 -34.20 2.37 0.19
C ILE D 89 -34.03 2.87 1.62
N PHE D 90 -34.10 1.94 2.58
CA PHE D 90 -33.96 2.28 3.99
C PHE D 90 -32.67 1.68 4.56
N ILE D 91 -31.87 2.52 5.22
CA ILE D 91 -30.56 2.10 5.71
C ILE D 91 -30.49 2.01 7.23
N GLU D 92 -30.46 0.80 7.76
CA GLU D 92 -30.43 0.58 9.20
C GLU D 92 -29.01 0.39 9.74
N LEU D 93 -28.55 1.31 10.57
CA LEU D 93 -27.22 1.25 11.13
C LEU D 93 -27.21 0.82 12.60
N LYS D 94 -26.30 -0.09 12.93
CA LYS D 94 -26.08 -0.48 14.33
C LYS D 94 -24.62 -0.25 14.68
N PHE D 95 -24.37 0.67 15.61
CA PHE D 95 -23.01 1.10 15.91
C PHE D 95 -22.83 1.51 17.38
N THR D 96 -21.57 1.63 17.80
CA THR D 96 -21.25 2.10 19.14
C THR D 96 -20.22 3.23 19.06
N VAL D 97 -20.38 4.24 19.91
CA VAL D 97 -19.44 5.36 19.94
C VAL D 97 -18.99 5.64 21.37
N ARG D 98 -17.67 5.69 21.56
CA ARG D 98 -17.09 5.95 22.87
C ARG D 98 -17.25 7.42 23.26
N ASP D 99 -17.39 7.69 24.55
CA ASP D 99 -17.42 9.05 25.04
C ASP D 99 -16.04 9.67 24.90
N CYS D 100 -15.99 10.89 24.35
CA CYS D 100 -14.70 11.55 24.12
C CYS D 100 -14.00 11.93 25.42
N ASN D 101 -14.76 11.98 26.51
CA ASN D 101 -14.22 12.30 27.83
C ASN D 101 -13.44 11.12 28.41
N SER D 102 -13.42 10.01 27.67
CA SER D 102 -12.68 8.83 28.08
C SER D 102 -11.20 8.98 27.76
N PHE D 103 -10.90 9.67 26.67
CA PHE D 103 -9.52 9.83 26.21
C PHE D 103 -8.90 11.11 26.75
N PRO D 104 -7.56 11.14 26.87
CA PRO D 104 -6.86 12.36 27.26
C PRO D 104 -7.21 13.51 26.32
N GLY D 105 -7.57 14.66 26.88
CA GLY D 105 -8.08 15.76 26.09
C GLY D 105 -9.52 15.47 25.72
N GLY D 106 -10.43 16.22 26.32
CA GLY D 106 -11.86 15.97 26.18
C GLY D 106 -12.33 15.93 24.74
N ALA D 107 -11.88 16.90 23.94
CA ALA D 107 -12.27 16.98 22.55
C ALA D 107 -11.15 17.55 21.69
N SER D 108 -11.51 18.08 20.53
CA SER D 108 -10.57 18.48 19.48
C SER D 108 -9.87 17.25 18.91
N SER D 109 -9.33 16.43 19.80
CA SER D 109 -8.82 15.12 19.42
C SER D 109 -9.96 14.24 18.91
N CYS D 110 -10.93 13.98 19.79
CA CYS D 110 -11.98 13.01 19.51
C CYS D 110 -13.26 13.63 18.99
N LYS D 111 -14.01 12.83 18.25
CA LYS D 111 -15.36 13.18 17.81
C LYS D 111 -16.32 12.05 18.19
N GLU D 112 -17.61 12.35 18.25
CA GLU D 112 -18.58 11.36 18.67
C GLU D 112 -19.59 11.00 17.57
N THR D 113 -19.29 11.38 16.33
CA THR D 113 -20.18 11.07 15.22
C THR D 113 -19.41 10.60 13.98
N PHE D 114 -20.14 10.09 13.00
CA PHE D 114 -19.56 9.77 11.70
C PHE D 114 -20.58 10.07 10.59
N ASN D 115 -20.08 10.27 9.38
CA ASN D 115 -20.93 10.67 8.26
C ASN D 115 -21.31 9.50 7.35
N LEU D 116 -22.53 9.57 6.79
CA LEU D 116 -23.00 8.57 5.86
C LEU D 116 -23.05 9.14 4.44
N TYR D 117 -22.53 8.38 3.48
CA TYR D 117 -22.51 8.80 2.08
C TYR D 117 -23.11 7.76 1.16
N TYR D 118 -23.48 8.18 -0.05
CA TYR D 118 -23.99 7.27 -1.06
C TYR D 118 -23.63 7.75 -2.47
N ALA D 119 -23.58 6.81 -3.41
CA ALA D 119 -23.27 7.14 -4.79
C ALA D 119 -23.86 6.12 -5.77
N GLU D 120 -24.77 6.57 -6.61
CA GLU D 120 -25.38 5.71 -7.62
C GLU D 120 -24.43 5.49 -8.79
N SER D 121 -24.53 4.33 -9.41
CA SER D 121 -23.74 4.01 -10.60
C SER D 121 -24.42 2.90 -11.39
N ASP D 122 -24.35 2.98 -12.71
CA ASP D 122 -24.99 1.99 -13.57
C ASP D 122 -24.19 0.69 -13.63
N LEU D 123 -22.90 0.78 -13.37
CA LEU D 123 -22.04 -0.41 -13.39
C LEU D 123 -21.10 -0.45 -12.19
N ASP D 124 -20.51 -1.61 -11.95
CA ASP D 124 -19.60 -1.79 -10.83
C ASP D 124 -18.27 -1.10 -11.08
N TYR D 125 -17.91 -0.19 -10.19
CA TYR D 125 -16.64 0.51 -10.29
C TYR D 125 -15.50 -0.31 -9.69
N GLY D 126 -15.85 -1.37 -8.98
CA GLY D 126 -14.86 -2.23 -8.36
C GLY D 126 -14.14 -1.52 -7.22
N THR D 127 -12.82 -1.43 -7.33
CA THR D 127 -12.02 -0.77 -6.30
C THR D 127 -11.84 0.71 -6.62
N ASN D 128 -12.35 1.13 -7.77
CA ASN D 128 -12.27 2.53 -8.17
C ASN D 128 -13.05 3.43 -7.22
N PHE D 129 -12.35 4.05 -6.29
CA PHE D 129 -12.97 4.95 -5.34
C PHE D 129 -12.55 6.39 -5.58
N GLN D 130 -13.50 7.30 -5.45
CA GLN D 130 -13.24 8.73 -5.60
C GLN D 130 -14.13 9.50 -4.63
N LYS D 131 -13.51 10.26 -3.74
CA LYS D 131 -14.24 10.97 -2.68
C LYS D 131 -15.29 11.92 -3.23
N ARG D 132 -14.97 12.58 -4.33
CA ARG D 132 -15.81 13.64 -4.87
C ARG D 132 -17.12 13.14 -5.48
N LEU D 133 -17.30 11.82 -5.53
CA LEU D 133 -18.46 11.24 -6.20
C LEU D 133 -19.59 10.87 -5.24
N PHE D 134 -19.28 10.76 -3.95
CA PHE D 134 -20.27 10.37 -2.96
C PHE D 134 -20.97 11.58 -2.37
N THR D 135 -22.30 11.48 -2.24
CA THR D 135 -23.10 12.57 -1.68
C THR D 135 -23.41 12.32 -0.22
N LYS D 136 -23.23 13.35 0.61
CA LYS D 136 -23.48 13.23 2.05
C LYS D 136 -24.97 13.10 2.33
N ILE D 137 -25.33 12.04 3.06
CA ILE D 137 -26.72 11.80 3.43
C ILE D 137 -27.07 12.51 4.74
N ASP D 138 -26.31 12.20 5.79
CA ASP D 138 -26.58 12.75 7.12
C ASP D 138 -25.45 12.43 8.08
N THR D 139 -25.27 13.27 9.10
CA THR D 139 -24.35 12.97 10.19
C THR D 139 -24.99 11.99 11.15
N ILE D 140 -24.36 10.84 11.34
CA ILE D 140 -24.92 9.79 12.17
C ILE D 140 -24.53 9.96 13.64
N ALA D 141 -25.43 10.58 14.40
CA ALA D 141 -25.20 10.82 15.82
C ALA D 141 -25.75 9.66 16.65
N PRO D 142 -25.06 9.32 17.75
CA PRO D 142 -25.51 8.24 18.63
C PRO D 142 -26.51 8.72 19.68
N ASP D 143 -27.53 7.93 19.93
CA ASP D 143 -28.48 8.22 21.00
C ASP D 143 -27.79 8.01 22.35
N GLU D 144 -26.93 6.99 22.41
CA GLU D 144 -26.18 6.70 23.61
C GLU D 144 -24.70 6.48 23.31
N ILE D 145 -23.84 7.17 24.05
CA ILE D 145 -22.40 6.94 23.99
C ILE D 145 -22.00 6.04 25.15
N THR D 146 -21.07 5.12 24.90
CA THR D 146 -20.65 4.18 25.93
C THR D 146 -19.49 4.73 26.75
N VAL D 147 -19.69 4.89 28.05
CA VAL D 147 -18.66 5.42 28.93
C VAL D 147 -17.62 4.37 29.28
N SER D 148 -16.53 4.82 29.90
CA SER D 148 -15.40 3.95 30.23
C SER D 148 -15.78 2.85 31.21
N SER D 149 -16.52 3.21 32.26
CA SER D 149 -16.94 2.27 33.28
C SER D 149 -17.80 1.16 32.68
N ASP D 150 -18.62 1.53 31.71
CA ASP D 150 -19.42 0.55 30.97
C ASP D 150 -18.53 -0.24 30.02
N PHE D 151 -17.60 0.45 29.38
CA PHE D 151 -16.74 -0.17 28.36
C PHE D 151 -15.68 -1.08 28.98
N GLU D 152 -15.23 -0.74 30.19
CA GLU D 152 -14.23 -1.57 30.86
C GLU D 152 -14.88 -2.86 31.33
N ALA D 153 -16.18 -2.82 31.53
CA ALA D 153 -16.98 -4.04 31.65
C ALA D 153 -17.36 -4.48 30.24
N ARG D 154 -17.87 -5.70 30.10
CA ARG D 154 -18.20 -6.21 28.78
C ARG D 154 -19.61 -5.79 28.34
N HIS D 155 -20.00 -4.57 28.71
CA HIS D 155 -21.29 -4.03 28.32
C HIS D 155 -21.13 -2.79 27.45
N VAL D 156 -21.82 -2.78 26.31
CA VAL D 156 -21.76 -1.65 25.39
C VAL D 156 -23.15 -1.14 25.03
N LYS D 157 -23.26 0.17 24.83
CA LYS D 157 -24.50 0.78 24.39
C LYS D 157 -24.59 0.79 22.87
N LEU D 158 -25.42 -0.09 22.32
CA LEU D 158 -25.54 -0.24 20.88
C LEU D 158 -26.61 0.68 20.31
N ASN D 159 -26.19 1.65 19.51
CA ASN D 159 -27.11 2.61 18.91
C ASN D 159 -27.75 2.07 17.62
N VAL D 160 -28.95 2.56 17.32
CA VAL D 160 -29.65 2.21 16.09
C VAL D 160 -30.14 3.47 15.38
N GLU D 161 -29.76 3.63 14.12
CA GLU D 161 -30.18 4.78 13.32
C GLU D 161 -30.54 4.35 11.90
N GLU D 162 -31.72 4.77 11.46
CA GLU D 162 -32.19 4.44 10.12
C GLU D 162 -32.39 5.67 9.24
N ARG D 163 -31.84 5.62 8.03
CA ARG D 163 -32.01 6.69 7.06
C ARG D 163 -32.57 6.15 5.75
N SER D 164 -33.37 6.96 5.06
CA SER D 164 -33.92 6.57 3.77
C SER D 164 -33.48 7.53 2.68
N VAL D 165 -33.35 7.04 1.46
CA VAL D 165 -32.94 7.87 0.33
C VAL D 165 -33.60 7.43 -0.97
N GLY D 166 -34.18 8.40 -1.67
CA GLY D 166 -34.81 8.15 -2.96
C GLY D 166 -35.12 9.47 -3.65
N PRO D 167 -35.52 9.40 -4.93
CA PRO D 167 -35.63 8.18 -5.73
C PRO D 167 -34.30 7.78 -6.36
N LEU D 168 -34.01 6.48 -6.38
CA LEU D 168 -32.81 5.97 -7.03
C LEU D 168 -33.10 5.79 -8.53
N THR D 169 -32.08 6.00 -9.36
CA THR D 169 -32.30 6.06 -10.80
C THR D 169 -31.47 5.07 -11.63
N ARG D 170 -30.30 4.71 -11.13
CA ARG D 170 -29.39 3.85 -11.89
C ARG D 170 -29.46 2.39 -11.46
N LYS D 171 -28.72 1.53 -12.17
CA LYS D 171 -28.79 0.09 -11.94
C LYS D 171 -28.33 -0.33 -10.55
N GLY D 172 -27.49 0.48 -9.94
CA GLY D 172 -27.00 0.19 -8.60
C GLY D 172 -26.52 1.42 -7.85
N PHE D 173 -25.88 1.20 -6.71
CA PHE D 173 -25.42 2.31 -5.87
C PHE D 173 -24.35 1.86 -4.88
N TYR D 174 -23.68 2.83 -4.27
CA TYR D 174 -22.67 2.55 -3.25
C TYR D 174 -23.03 3.24 -1.94
N LEU D 175 -22.45 2.74 -0.85
CA LEU D 175 -22.58 3.37 0.46
C LEU D 175 -21.21 3.61 1.07
N ALA D 176 -21.01 4.76 1.69
CA ALA D 176 -19.73 5.09 2.29
C ALA D 176 -19.87 5.60 3.72
N PHE D 177 -18.84 5.35 4.53
CA PHE D 177 -18.86 5.76 5.92
C PHE D 177 -17.57 6.51 6.27
N GLN D 178 -17.71 7.81 6.50
CA GLN D 178 -16.55 8.66 6.76
C GLN D 178 -16.25 8.84 8.24
N ASP D 179 -15.01 8.57 8.63
CA ASP D 179 -14.59 8.77 10.00
C ASP D 179 -13.85 10.10 10.13
N ILE D 180 -14.09 10.80 11.24
CA ILE D 180 -13.49 12.11 11.45
C ILE D 180 -12.81 12.21 12.81
N GLY D 181 -12.07 11.17 13.19
CA GLY D 181 -11.40 11.15 14.47
C GLY D 181 -12.35 10.70 15.58
N ALA D 182 -13.15 9.69 15.28
CA ALA D 182 -14.10 9.14 16.25
C ALA D 182 -13.73 7.71 16.61
N CYS D 183 -14.36 7.18 17.65
CA CYS D 183 -14.15 5.80 18.04
C CYS D 183 -15.42 5.00 17.81
N VAL D 184 -15.59 4.53 16.57
CA VAL D 184 -16.83 3.89 16.16
C VAL D 184 -16.63 2.44 15.71
N ALA D 185 -17.54 1.57 16.14
CA ALA D 185 -17.55 0.19 15.68
C ALA D 185 -18.87 -0.11 14.97
N LEU D 186 -18.79 -0.36 13.67
CA LEU D 186 -19.99 -0.63 12.87
C LEU D 186 -20.35 -2.11 12.90
N LEU D 187 -21.35 -2.45 13.72
CA LEU D 187 -21.73 -3.84 13.90
C LEU D 187 -22.67 -4.37 12.81
N SER D 188 -23.59 -3.53 12.36
CA SER D 188 -24.59 -3.99 11.39
C SER D 188 -25.11 -2.89 10.48
N VAL D 189 -25.22 -3.21 9.20
CA VAL D 189 -25.92 -2.34 8.25
C VAL D 189 -26.95 -3.15 7.48
N ARG D 190 -28.11 -2.55 7.27
CA ARG D 190 -29.18 -3.17 6.50
C ARG D 190 -29.80 -2.15 5.54
N VAL D 191 -29.62 -2.38 4.25
CA VAL D 191 -30.31 -1.55 3.27
C VAL D 191 -31.37 -2.39 2.56
N TYR D 192 -32.59 -1.85 2.49
CA TYR D 192 -33.73 -2.59 1.99
C TYR D 192 -34.80 -1.65 1.46
N TYR D 193 -35.87 -2.23 0.92
CA TYR D 193 -37.01 -1.43 0.48
C TYR D 193 -38.31 -2.19 0.74
N LYS D 194 -39.41 -1.45 0.78
CA LYS D 194 -40.70 -2.02 1.12
C LYS D 194 -41.54 -2.31 -0.12
N LYS D 195 -42.49 -3.23 0.01
CA LYS D 195 -43.33 -3.63 -1.11
C LYS D 195 -44.75 -3.09 -0.95
N SER E 2 7.57 4.98 -21.79
CA SER E 2 8.89 4.80 -21.20
C SER E 2 9.54 6.16 -21.09
N ALA E 3 10.47 6.37 -20.16
CA ALA E 3 11.04 7.72 -20.10
C ALA E 3 12.46 7.46 -20.59
N TYR E 4 12.89 6.21 -20.50
CA TYR E 4 14.20 5.80 -20.99
C TYR E 4 14.06 4.50 -21.77
N PRO E 5 14.72 4.41 -22.93
CA PRO E 5 14.59 3.25 -23.83
C PRO E 5 15.05 1.95 -23.19
N ASP E 6 14.33 0.87 -23.48
CA ASP E 6 14.67 -0.47 -23.00
C ASP E 6 14.75 -0.55 -21.48
N SER E 7 13.81 0.07 -20.79
CA SER E 7 13.81 0.08 -19.33
C SER E 7 12.79 -0.90 -18.76
N VAL E 8 13.27 -1.87 -17.99
CA VAL E 8 12.42 -2.81 -17.28
C VAL E 8 12.38 -2.43 -15.81
N PRO E 9 11.23 -2.64 -15.15
CA PRO E 9 11.21 -2.50 -13.69
C PRO E 9 12.29 -3.34 -13.01
N PHE E 10 13.02 -2.73 -12.08
CA PHE E 10 14.00 -3.44 -11.28
C PHE E 10 13.33 -3.91 -9.97
N ARG E 11 14.00 -4.80 -9.25
CA ARG E 11 13.41 -5.40 -8.06
C ARG E 11 13.10 -4.34 -7.03
N SER F 2 -5.25 -5.34 22.30
CA SER F 2 -4.23 -4.39 22.69
C SER F 2 -3.07 -4.98 23.46
N ALA F 3 -1.86 -4.53 23.17
CA ALA F 3 -0.67 -5.03 23.82
C ALA F 3 -0.24 -4.19 24.99
N TYR F 4 -0.61 -2.93 24.96
CA TYR F 4 -0.49 -1.94 26.03
C TYR F 4 -1.85 -1.29 26.26
N PRO F 5 -2.19 -1.02 27.52
CA PRO F 5 -3.49 -0.42 27.79
C PRO F 5 -3.51 1.08 27.46
N ASP F 6 -4.70 1.59 27.14
CA ASP F 6 -4.89 3.00 26.79
C ASP F 6 -4.01 3.44 25.63
N SER F 7 -3.77 2.53 24.69
CA SER F 7 -2.92 2.82 23.54
C SER F 7 -3.74 3.16 22.30
N VAL F 8 -3.21 4.07 21.49
CA VAL F 8 -3.90 4.56 20.30
C VAL F 8 -2.88 4.83 19.20
N PRO F 9 -3.23 4.47 17.95
CA PRO F 9 -2.39 4.72 16.76
C PRO F 9 -1.80 6.13 16.74
N PHE F 10 -0.48 6.23 16.57
CA PHE F 10 0.18 7.52 16.49
C PHE F 10 0.36 7.90 15.02
N ARG F 11 0.74 9.15 14.78
CA ARG F 11 0.80 9.72 13.43
C ARG F 11 1.62 8.87 12.45
N SER G 2 7.43 -2.44 -21.81
CA SER G 2 6.17 -2.09 -22.42
C SER G 2 5.55 -3.31 -23.01
N ALA G 3 4.28 -3.50 -22.82
CA ALA G 3 3.63 -4.69 -23.33
C ALA G 3 2.74 -4.44 -24.50
N TYR G 4 2.48 -3.18 -24.74
CA TYR G 4 1.67 -2.66 -25.83
C TYR G 4 2.10 -1.22 -26.08
N PRO G 5 2.50 -0.92 -27.33
CA PRO G 5 3.17 0.34 -27.64
C PRO G 5 2.29 1.57 -27.40
N ASP G 6 2.92 2.68 -27.05
CA ASP G 6 2.24 3.95 -26.83
C ASP G 6 1.15 3.85 -25.77
N SER G 7 1.49 3.24 -24.63
CA SER G 7 0.51 3.03 -23.57
C SER G 7 0.93 3.69 -22.25
N VAL G 8 0.01 4.47 -21.69
CA VAL G 8 0.22 5.19 -20.43
C VAL G 8 -0.65 4.56 -19.35
N PRO G 9 -0.25 4.70 -18.08
CA PRO G 9 -1.18 4.35 -17.00
C PRO G 9 -2.49 5.13 -17.11
N PHE G 10 -3.60 4.48 -16.79
CA PHE G 10 -4.90 5.13 -16.83
C PHE G 10 -5.45 5.29 -15.42
N ARG G 11 -6.46 6.13 -15.27
CA ARG G 11 -7.05 6.43 -13.96
C ARG G 11 -7.42 5.18 -13.17
N SER H 2 -9.91 0.18 21.92
CA SER H 2 -10.79 -0.66 21.17
C SER H 2 -11.99 0.16 20.99
N ALA H 3 -12.83 -0.17 20.02
CA ALA H 3 -14.03 0.58 19.78
C ALA H 3 -15.13 -0.37 20.15
N TYR H 4 -14.69 -1.55 20.54
CA TYR H 4 -15.52 -2.66 20.99
C TYR H 4 -14.65 -3.64 21.78
N PRO H 5 -15.11 -4.02 22.98
CA PRO H 5 -14.33 -4.86 23.91
C PRO H 5 -13.93 -6.20 23.29
N ASP H 6 -12.68 -6.60 23.51
CA ASP H 6 -12.15 -7.88 23.05
C ASP H 6 -12.25 -8.06 21.54
N SER H 7 -11.76 -7.07 20.79
CA SER H 7 -11.83 -7.12 19.34
C SER H 7 -10.47 -7.35 18.70
N VAL H 8 -10.36 -8.42 17.91
CA VAL H 8 -9.16 -8.76 17.18
C VAL H 8 -9.36 -8.47 15.70
N PRO H 9 -8.31 -7.95 15.01
CA PRO H 9 -8.34 -7.89 13.55
C PRO H 9 -8.72 -9.23 12.94
N PHE H 10 -9.64 -9.21 11.98
CA PHE H 10 -10.12 -10.44 11.35
C PHE H 10 -9.73 -10.52 9.88
N ARG H 11 -8.89 -11.51 9.56
CA ARG H 11 -8.36 -11.81 8.23
C ARG H 11 -8.57 -10.72 7.16
N ALA I 1 22.44 32.06 -14.06
CA ALA I 1 23.10 30.81 -14.42
C ALA I 1 23.04 29.81 -13.27
N HIS I 2 23.95 29.93 -12.32
CA HIS I 2 24.00 29.05 -11.16
C HIS I 2 23.13 29.60 -10.04
N HIS I 3 22.51 28.71 -9.28
CA HIS I 3 21.56 29.11 -8.26
C HIS I 3 21.93 28.61 -6.87
N HIS I 4 21.75 29.48 -5.87
CA HIS I 4 21.97 29.11 -4.49
C HIS I 4 20.65 29.22 -3.72
N HIS I 5 20.51 28.41 -2.67
CA HIS I 5 19.26 28.36 -1.94
C HIS I 5 19.46 28.56 -0.43
N ALA I 6 18.63 29.43 0.15
CA ALA I 6 18.73 29.75 1.58
C ALA I 6 18.13 28.65 2.45
#